data_5VB0
#
_entry.id   5VB0
#
_cell.length_a   87.608
_cell.length_b   87.608
_cell.length_c   357.038
_cell.angle_alpha   90.000
_cell.angle_beta   90.000
_cell.angle_gamma   90.000
#
_symmetry.space_group_name_H-M   'P 41 2 2'
#
loop_
_entity.id
_entity.type
_entity.pdbx_description
1 polymer 'Fosfomycin resistance protein FosA3'
2 non-polymer 'MANGANESE (II) ION'
3 non-polymer 'NICKEL (II) ION'
#
_entity_poly.entity_id   1
_entity_poly.type   'polypeptide(L)'
_entity_poly.pdbx_seq_one_letter_code
;MLQGLNHLTLAVSDLASSLAFYQQLPGMRLHASWDSGAYLSCGALWLCLSLDEQRRKTPPQESDYTHYAFSVAEEEFAGV
VALLAQAGAEVWKDNRSEGASYYFLDPDGHKLELHVGNLAQRLAACRERPYKGMVFFDHHHHHH
;
_entity_poly.pdbx_strand_id   A,B,C,D,E,F,G,H
#
# COMPACT_ATOMS: atom_id res chain seq x y z
N MET A 1 6.81 1.09 16.23
CA MET A 1 7.31 1.07 14.85
C MET A 1 8.81 1.35 14.76
N LEU A 2 9.50 0.56 13.93
CA LEU A 2 10.91 0.81 13.67
C LEU A 2 11.05 2.05 12.78
N GLN A 3 11.90 3.00 13.21
CA GLN A 3 12.02 4.26 12.51
C GLN A 3 13.23 4.32 11.59
N GLY A 4 14.15 3.38 11.71
CA GLY A 4 15.36 3.39 10.91
C GLY A 4 16.48 2.67 11.63
N LEU A 5 17.68 2.77 11.07
CA LEU A 5 18.83 2.19 11.74
C LEU A 5 19.21 3.05 12.93
N ASN A 6 19.28 2.42 14.11
CA ASN A 6 19.65 3.16 15.31
C ASN A 6 21.17 3.25 15.46
N HIS A 7 21.85 2.12 15.40
CA HIS A 7 23.30 2.11 15.39
C HIS A 7 23.77 0.82 14.72
N LEU A 8 25.00 0.87 14.22
CA LEU A 8 25.70 -0.28 13.65
C LEU A 8 26.89 -0.59 14.56
N THR A 9 26.95 -1.82 15.05
CA THR A 9 28.00 -2.26 15.96
C THR A 9 28.86 -3.30 15.26
N LEU A 10 30.16 -3.05 15.18
CA LEU A 10 31.13 -3.97 14.57
C LEU A 10 32.01 -4.55 15.67
N ALA A 11 32.19 -5.86 15.66
CA ALA A 11 33.13 -6.51 16.56
C ALA A 11 34.55 -6.39 16.00
N VAL A 12 35.49 -5.95 16.84
CA VAL A 12 36.86 -5.74 16.42
C VAL A 12 37.80 -6.46 17.38
N SER A 13 38.96 -6.86 16.86
CA SER A 13 39.96 -7.58 17.66
C SER A 13 41.00 -6.65 18.26
N ASP A 14 41.29 -5.52 17.61
CA ASP A 14 42.20 -4.52 18.14
C ASP A 14 41.50 -3.17 18.02
N LEU A 15 41.07 -2.64 19.16
CA LEU A 15 40.32 -1.39 19.17
C LEU A 15 41.17 -0.24 18.63
N ALA A 16 42.44 -0.15 19.03
CA ALA A 16 43.30 0.93 18.57
C ALA A 16 43.55 0.83 17.07
N SER A 17 43.72 -0.39 16.56
CA SER A 17 43.89 -0.58 15.13
C SER A 17 42.65 -0.14 14.36
N SER A 18 41.47 -0.49 14.89
CA SER A 18 40.22 -0.12 14.22
C SER A 18 40.00 1.38 14.21
N LEU A 19 40.32 2.07 15.32
CA LEU A 19 40.08 3.52 15.33
C LEU A 19 41.01 4.26 14.38
N ALA A 20 42.24 3.78 14.21
CA ALA A 20 43.11 4.37 13.21
C ALA A 20 42.50 4.22 11.82
N PHE A 21 41.93 3.04 11.54
CA PHE A 21 41.38 2.76 10.22
C PHE A 21 40.17 3.64 9.91
N TYR A 22 39.20 3.69 10.83
CA TYR A 22 37.96 4.41 10.53
C TYR A 22 38.17 5.93 10.56
N GLN A 23 39.09 6.41 11.40
CA GLN A 23 39.38 7.84 11.41
C GLN A 23 40.11 8.29 10.15
N GLN A 24 40.69 7.35 9.40
CA GLN A 24 41.28 7.67 8.10
C GLN A 24 40.22 8.04 7.07
N LEU A 25 38.97 7.66 7.30
CA LEU A 25 37.88 8.00 6.38
C LEU A 25 37.37 9.40 6.68
N PRO A 26 37.41 10.32 5.73
CA PRO A 26 36.89 11.67 5.99
C PRO A 26 35.38 11.62 6.21
N GLY A 27 34.93 12.34 7.23
CA GLY A 27 33.56 12.30 7.67
C GLY A 27 33.32 11.37 8.84
N MET A 28 34.19 10.40 9.05
CA MET A 28 34.10 9.51 10.19
C MET A 28 34.69 10.21 11.41
N ARG A 29 33.89 10.31 12.47
CA ARG A 29 34.27 11.16 13.58
C ARG A 29 34.10 10.41 14.90
N LEU A 30 35.08 10.56 15.78
CA LEU A 30 35.15 9.80 17.03
C LEU A 30 34.66 10.69 18.18
N HIS A 31 33.67 10.19 18.91
CA HIS A 31 33.05 10.92 20.01
C HIS A 31 33.56 10.47 21.37
N ALA A 32 33.84 9.18 21.53
CA ALA A 32 34.28 8.66 22.81
C ALA A 32 34.88 7.29 22.59
N SER A 33 35.78 6.91 23.50
CA SER A 33 36.42 5.61 23.49
C SER A 33 36.67 5.19 24.93
N TRP A 34 36.71 3.88 25.16
CA TRP A 34 37.03 3.35 26.48
C TRP A 34 37.78 2.04 26.30
N ASP A 35 37.91 1.28 27.39
CA ASP A 35 38.74 0.09 27.40
C ASP A 35 38.34 -0.90 26.32
N SER A 36 37.04 -1.01 26.02
CA SER A 36 36.53 -2.11 25.21
C SER A 36 35.58 -1.65 24.10
N GLY A 37 35.63 -0.38 23.72
CA GLY A 37 34.77 0.08 22.65
C GLY A 37 34.97 1.56 22.35
N ALA A 38 34.24 2.02 21.36
CA ALA A 38 34.27 3.41 20.92
C ALA A 38 32.95 3.77 20.27
N TYR A 39 32.65 5.07 20.26
CA TYR A 39 31.45 5.62 19.62
C TYR A 39 31.87 6.57 18.53
N LEU A 40 31.38 6.33 17.31
CA LEU A 40 31.68 7.18 16.16
C LEU A 40 30.39 7.60 15.47
N SER A 41 30.49 8.67 14.69
CA SER A 41 29.37 9.12 13.88
C SER A 41 29.84 9.44 12.48
N CYS A 42 28.92 9.30 11.52
CA CYS A 42 29.17 9.65 10.13
C CYS A 42 27.83 10.12 9.57
N GLY A 43 27.65 11.43 9.49
CA GLY A 43 26.32 11.95 9.22
C GLY A 43 25.39 11.46 10.31
N ALA A 44 24.26 10.89 9.89
CA ALA A 44 23.32 10.35 10.85
C ALA A 44 23.71 8.99 11.39
N LEU A 45 24.72 8.34 10.82
CA LEU A 45 25.08 7.00 11.26
C LEU A 45 25.82 7.03 12.58
N TRP A 46 25.34 6.23 13.52
CA TRP A 46 26.00 6.00 14.80
C TRP A 46 26.73 4.67 14.66
N LEU A 47 28.05 4.72 14.58
CA LEU A 47 28.86 3.52 14.44
C LEU A 47 29.50 3.21 15.78
N CYS A 48 29.37 1.97 16.22
CA CYS A 48 29.89 1.52 17.50
C CYS A 48 30.91 0.41 17.27
N LEU A 49 32.08 0.55 17.87
CA LEU A 49 33.09 -0.49 17.84
C LEU A 49 33.12 -1.19 19.19
N SER A 50 33.13 -2.52 19.17
CA SER A 50 33.08 -3.32 20.39
C SER A 50 34.23 -4.31 20.33
N LEU A 51 35.08 -4.28 21.34
CA LEU A 51 36.25 -5.15 21.39
C LEU A 51 35.81 -6.55 21.76
N ASP A 52 36.26 -7.53 20.98
CA ASP A 52 35.76 -8.90 21.11
C ASP A 52 36.92 -9.87 20.95
N GLU A 53 37.10 -10.73 21.96
CA GLU A 53 38.04 -11.85 21.86
C GLU A 53 37.65 -12.79 20.73
N GLN A 54 36.36 -13.12 20.63
CA GLN A 54 35.85 -14.17 19.73
C GLN A 54 35.79 -13.66 18.28
N ARG A 55 36.66 -12.72 17.92
CA ARG A 55 36.62 -12.20 16.56
C ARG A 55 37.93 -12.41 15.83
N ARG A 56 37.82 -12.98 14.63
CA ARG A 56 38.89 -13.37 13.74
C ARG A 56 39.08 -12.32 12.64
N LYS A 57 40.32 -12.17 12.17
CA LYS A 57 40.53 -11.48 10.90
C LYS A 57 40.06 -12.43 9.80
N THR A 58 38.83 -12.24 9.34
CA THR A 58 38.29 -13.20 8.40
C THR A 58 38.69 -12.81 6.98
N PRO A 59 39.23 -13.75 6.19
CA PRO A 59 39.49 -13.46 4.79
C PRO A 59 38.18 -13.24 4.03
N PRO A 60 38.18 -12.40 3.00
CA PRO A 60 36.91 -12.12 2.31
C PRO A 60 36.28 -13.34 1.65
N GLN A 61 37.08 -14.31 1.19
CA GLN A 61 36.53 -15.52 0.59
C GLN A 61 35.88 -16.43 1.59
N GLU A 62 36.12 -16.22 2.89
CA GLU A 62 35.57 -17.10 3.92
C GLU A 62 34.40 -16.46 4.66
N SER A 63 33.91 -15.33 4.18
CA SER A 63 32.73 -14.67 4.73
C SER A 63 31.71 -14.46 3.62
N ASP A 64 30.46 -14.24 4.01
CA ASP A 64 29.39 -14.08 3.04
C ASP A 64 29.36 -12.64 2.53
N TYR A 65 28.27 -12.28 1.83
CA TYR A 65 28.18 -11.01 1.12
C TYR A 65 27.71 -9.85 2.00
N THR A 66 27.41 -10.09 3.27
CA THR A 66 26.98 -9.03 4.17
C THR A 66 28.01 -7.89 4.18
N HIS A 67 27.56 -6.69 3.82
CA HIS A 67 28.48 -5.56 3.75
C HIS A 67 27.76 -4.28 4.13
N TYR A 68 28.56 -3.25 4.36
CA TYR A 68 28.09 -1.95 4.85
C TYR A 68 28.63 -0.87 3.93
N ALA A 69 27.74 -0.09 3.33
CA ALA A 69 28.14 0.91 2.35
C ALA A 69 27.96 2.32 2.89
N PHE A 70 28.86 3.23 2.50
CA PHE A 70 28.83 4.60 2.95
C PHE A 70 28.61 5.54 1.77
N SER A 71 27.84 6.61 2.00
CA SER A 71 27.51 7.56 0.97
C SER A 71 28.63 8.57 0.74
N VAL A 72 29.00 8.76 -0.53
CA VAL A 72 29.90 9.84 -0.94
C VAL A 72 29.29 10.52 -2.16
N ALA A 73 29.41 11.85 -2.20
CA ALA A 73 28.98 12.62 -3.35
C ALA A 73 29.77 12.24 -4.60
N GLU A 74 29.15 12.50 -5.76
CA GLU A 74 29.75 12.10 -7.03
C GLU A 74 31.07 12.81 -7.29
N GLU A 75 31.17 14.09 -6.94
CA GLU A 75 32.38 14.86 -7.20
C GLU A 75 33.55 14.43 -6.34
N GLU A 76 33.31 13.71 -5.26
CA GLU A 76 34.35 13.38 -4.30
C GLU A 76 34.64 11.89 -4.22
N PHE A 77 33.98 11.06 -5.03
CA PHE A 77 34.18 9.62 -5.01
C PHE A 77 35.64 9.27 -5.32
N ALA A 78 36.18 9.85 -6.39
CA ALA A 78 37.55 9.55 -6.81
C ALA A 78 38.56 9.91 -5.72
N GLY A 79 38.37 11.07 -5.09
CA GLY A 79 39.28 11.45 -4.01
C GLY A 79 39.33 10.44 -2.89
N VAL A 80 38.15 10.03 -2.38
CA VAL A 80 38.13 9.15 -1.21
C VAL A 80 38.70 7.76 -1.56
N VAL A 81 38.39 7.25 -2.75
CA VAL A 81 38.95 5.95 -3.17
C VAL A 81 40.46 6.06 -3.37
N ALA A 82 40.90 7.12 -4.00
CA ALA A 82 42.33 7.33 -4.12
C ALA A 82 42.99 7.39 -2.75
N LEU A 83 42.32 8.01 -1.78
CA LEU A 83 42.85 8.07 -0.42
C LEU A 83 43.00 6.68 0.18
N LEU A 84 42.01 5.80 -0.04
CA LEU A 84 42.09 4.45 0.51
C LEU A 84 43.04 3.57 -0.29
N ALA A 85 43.21 3.83 -1.59
CA ALA A 85 44.19 3.08 -2.37
C ALA A 85 45.60 3.36 -1.87
N GLN A 86 45.93 4.65 -1.71
CA GLN A 86 47.22 5.03 -1.16
C GLN A 86 47.41 4.51 0.26
N ALA A 87 46.33 4.42 1.04
CA ALA A 87 46.44 3.88 2.38
C ALA A 87 46.67 2.37 2.38
N GLY A 88 46.39 1.70 1.27
CA GLY A 88 46.58 0.26 1.19
C GLY A 88 45.43 -0.59 1.68
N ALA A 89 44.21 -0.08 1.65
CA ALA A 89 43.05 -0.85 2.06
C ALA A 89 42.84 -2.03 1.11
N GLU A 90 42.63 -3.22 1.68
CA GLU A 90 42.47 -4.40 0.85
C GLU A 90 41.09 -4.40 0.18
N VAL A 91 41.09 -4.66 -1.13
CA VAL A 91 39.86 -4.74 -1.92
C VAL A 91 39.34 -6.17 -1.88
N TRP A 92 38.02 -6.31 -1.77
CA TRP A 92 37.39 -7.62 -1.66
C TRP A 92 36.46 -7.96 -2.82
N LYS A 93 36.23 -7.04 -3.75
CA LYS A 93 35.43 -7.32 -4.93
C LYS A 93 35.67 -6.25 -5.98
N ASP A 94 35.68 -6.65 -7.24
CA ASP A 94 35.93 -5.73 -8.35
C ASP A 94 34.76 -4.77 -8.55
N ASN A 95 35.05 -3.64 -9.21
CA ASN A 95 34.04 -2.62 -9.49
C ASN A 95 32.95 -3.12 -10.43
N ALA A 100 29.33 2.93 -9.63
CA ALA A 100 29.99 3.88 -8.74
C ALA A 100 30.17 3.30 -7.34
N SER A 101 30.96 2.23 -7.23
CA SER A 101 31.18 1.57 -5.96
C SER A 101 32.66 1.20 -5.81
N TYR A 102 33.10 1.19 -4.56
CA TYR A 102 34.45 0.77 -4.19
C TYR A 102 34.33 -0.14 -2.97
N TYR A 103 34.85 -1.36 -3.08
CA TYR A 103 34.69 -2.38 -2.06
C TYR A 103 36.03 -2.61 -1.36
N PHE A 104 36.07 -2.32 -0.06
CA PHE A 104 37.29 -2.44 0.73
C PHE A 104 36.98 -3.04 2.08
N LEU A 105 37.99 -3.66 2.68
CA LEU A 105 37.86 -4.32 3.97
C LEU A 105 38.42 -3.44 5.09
N ASP A 106 37.95 -3.71 6.30
CA ASP A 106 38.50 -3.09 7.49
C ASP A 106 39.44 -4.07 8.16
N PRO A 107 40.26 -3.62 9.14
CA PRO A 107 41.33 -4.51 9.65
C PRO A 107 40.88 -5.89 10.11
N ASP A 108 39.60 -6.08 10.42
CA ASP A 108 39.07 -7.36 10.85
C ASP A 108 38.39 -8.15 9.74
N GLY A 109 38.27 -7.59 8.54
CA GLY A 109 37.64 -8.29 7.43
C GLY A 109 36.19 -7.94 7.18
N HIS A 110 35.60 -7.04 7.97
CA HIS A 110 34.26 -6.52 7.68
C HIS A 110 34.27 -5.93 6.28
N LYS A 111 33.29 -6.30 5.47
CA LYS A 111 33.21 -5.84 4.09
C LYS A 111 32.53 -4.48 4.05
N LEU A 112 33.23 -3.49 3.49
CA LEU A 112 32.72 -2.12 3.40
C LEU A 112 32.64 -1.71 1.94
N GLU A 113 31.97 -0.58 1.70
CA GLU A 113 31.78 -0.09 0.35
C GLU A 113 31.53 1.42 0.40
N LEU A 114 32.06 2.13 -0.59
CA LEU A 114 31.69 3.50 -0.88
C LEU A 114 30.74 3.48 -2.09
N HIS A 115 29.66 4.25 -2.01
CA HIS A 115 28.69 4.23 -3.09
C HIS A 115 28.09 5.60 -3.33
N VAL A 116 27.98 5.97 -4.60
CA VAL A 116 27.26 7.17 -5.02
C VAL A 116 25.88 6.74 -5.52
N GLY A 117 24.85 7.40 -5.03
CA GLY A 117 23.48 7.13 -5.41
C GLY A 117 22.70 6.50 -4.28
N ASN A 118 21.39 6.76 -4.27
CA ASN A 118 20.53 6.27 -3.22
C ASN A 118 19.55 5.23 -3.78
N LEU A 119 18.61 4.78 -2.94
CA LEU A 119 17.69 3.72 -3.36
C LEU A 119 16.69 4.21 -4.41
N ALA A 120 16.29 5.47 -4.35
CA ALA A 120 15.41 5.99 -5.39
C ALA A 120 16.09 5.97 -6.74
N GLN A 121 17.40 6.31 -6.78
CA GLN A 121 18.11 6.31 -8.05
C GLN A 121 18.37 4.89 -8.54
N ARG A 122 18.67 3.95 -7.64
CA ARG A 122 18.84 2.57 -8.04
C ARG A 122 17.54 1.96 -8.58
N LEU A 123 16.42 2.23 -7.91
CA LEU A 123 15.13 1.76 -8.43
C LEU A 123 14.85 2.29 -9.82
N ALA A 124 15.19 3.57 -10.06
CA ALA A 124 15.03 4.12 -11.40
C ALA A 124 15.91 3.38 -12.40
N ALA A 125 17.17 3.12 -12.03
CA ALA A 125 18.05 2.38 -12.91
C ALA A 125 17.53 0.97 -13.15
N CYS A 126 17.00 0.34 -12.11
CA CYS A 126 16.49 -1.02 -12.26
C CYS A 126 15.25 -1.07 -13.14
N ARG A 127 14.47 0.01 -13.18
CA ARG A 127 13.27 -0.06 -14.02
C ARG A 127 13.58 0.18 -15.49
N GLU A 128 14.61 0.98 -15.79
CA GLU A 128 15.11 1.05 -17.15
C GLU A 128 15.68 -0.30 -17.59
N ARG A 129 16.19 -1.08 -16.67
CA ARG A 129 16.76 -2.39 -16.99
C ARG A 129 16.69 -3.26 -15.75
N PRO A 130 15.69 -4.13 -15.66
CA PRO A 130 15.50 -4.91 -14.43
C PRO A 130 16.42 -6.12 -14.34
N TYR A 131 16.67 -6.52 -13.08
CA TYR A 131 17.33 -7.77 -12.77
C TYR A 131 16.41 -8.94 -13.16
N LYS A 132 16.96 -10.15 -13.04
CA LYS A 132 16.23 -11.33 -13.45
C LYS A 132 15.04 -11.55 -12.52
N GLY A 133 13.84 -11.61 -13.11
CA GLY A 133 12.65 -11.83 -12.31
C GLY A 133 12.27 -10.69 -11.40
N MET A 134 12.64 -9.46 -11.72
CA MET A 134 12.41 -8.34 -10.81
C MET A 134 10.96 -7.88 -10.85
N VAL A 135 10.40 -7.61 -9.67
CA VAL A 135 9.05 -7.07 -9.50
C VAL A 135 9.14 -5.83 -8.63
N PHE A 136 8.53 -4.74 -9.09
CA PHE A 136 8.50 -3.46 -8.39
C PHE A 136 7.18 -3.25 -7.69
N PHE A 137 7.22 -2.60 -6.53
CA PHE A 137 6.02 -2.41 -5.73
C PHE A 137 5.67 -0.94 -5.49
N ASP A 138 6.48 0.00 -5.97
CA ASP A 138 6.12 1.40 -6.03
C ASP A 138 5.56 1.70 -7.41
N HIS A 139 4.31 2.13 -7.48
CA HIS A 139 3.65 2.25 -8.77
C HIS A 139 4.34 3.29 -9.65
N HIS A 140 4.51 2.92 -10.92
CA HIS A 140 5.19 3.76 -11.91
C HIS A 140 4.55 3.52 -13.27
N HIS A 141 4.89 4.41 -14.21
CA HIS A 141 4.46 4.22 -15.59
C HIS A 141 5.65 4.22 -16.53
N HIS A 142 6.65 3.37 -16.23
CA HIS A 142 7.81 3.17 -17.09
C HIS A 142 7.39 2.20 -18.20
N HIS A 143 6.99 2.76 -19.34
CA HIS A 143 6.39 2.02 -20.45
C HIS A 143 5.14 1.26 -20.00
N MET B 1 33.85 13.09 0.70
CA MET B 1 33.61 12.90 2.12
C MET B 1 32.39 11.99 2.37
N LEU B 2 32.53 11.07 3.32
CA LEU B 2 31.43 10.19 3.67
C LEU B 2 30.33 10.94 4.40
N GLN B 3 29.09 10.77 3.90
CA GLN B 3 27.94 11.49 4.41
C GLN B 3 27.05 10.66 5.32
N GLY B 4 27.26 9.35 5.39
CA GLY B 4 26.45 8.49 6.22
C GLY B 4 26.40 7.08 5.67
N LEU B 5 25.58 6.26 6.30
CA LEU B 5 25.36 4.90 5.80
C LEU B 5 24.53 4.97 4.53
N ASN B 6 25.04 4.36 3.46
CA ASN B 6 24.31 4.35 2.19
C ASN B 6 23.29 3.22 2.15
N HIS B 7 23.75 2.00 2.44
CA HIS B 7 22.82 0.88 2.55
C HIS B 7 23.45 -0.21 3.42
N LEU B 8 22.57 -1.05 3.98
CA LEU B 8 22.94 -2.23 4.74
C LEU B 8 22.50 -3.45 3.94
N THR B 9 23.44 -4.32 3.62
CA THR B 9 23.17 -5.51 2.83
C THR B 9 23.39 -6.75 3.70
N LEU B 10 22.36 -7.58 3.82
CA LEU B 10 22.44 -8.82 4.57
C LEU B 10 22.40 -10.00 3.61
N ALA B 11 23.31 -10.93 3.80
CA ALA B 11 23.29 -12.18 3.03
C ALA B 11 22.26 -13.11 3.65
N VAL B 12 21.39 -13.67 2.81
CA VAL B 12 20.31 -14.54 3.27
C VAL B 12 20.34 -15.84 2.47
N SER B 13 19.87 -16.92 3.10
CA SER B 13 19.85 -18.22 2.45
C SER B 13 18.53 -18.51 1.76
N ASP B 14 17.43 -17.98 2.29
CA ASP B 14 16.10 -18.18 1.70
C ASP B 14 15.44 -16.81 1.62
N LEU B 15 15.36 -16.27 0.40
CA LEU B 15 14.84 -14.92 0.20
C LEU B 15 13.38 -14.82 0.64
N ALA B 16 12.56 -15.83 0.30
CA ALA B 16 11.16 -15.77 0.68
C ALA B 16 11.00 -15.84 2.20
N SER B 17 11.82 -16.65 2.87
CA SER B 17 11.75 -16.71 4.33
C SER B 17 12.16 -15.39 4.95
N SER B 18 13.24 -14.78 4.43
CA SER B 18 13.67 -13.48 4.96
C SER B 18 12.64 -12.39 4.66
N LEU B 19 12.00 -12.44 3.49
CA LEU B 19 11.01 -11.41 3.18
C LEU B 19 9.82 -11.48 4.12
N ALA B 20 9.38 -12.68 4.48
CA ALA B 20 8.29 -12.81 5.45
C ALA B 20 8.70 -12.23 6.80
N PHE B 21 9.92 -12.50 7.24
CA PHE B 21 10.35 -12.04 8.55
C PHE B 21 10.39 -10.51 8.62
N TYR B 22 10.99 -9.86 7.62
CA TYR B 22 11.13 -8.42 7.66
C TYR B 22 9.80 -7.71 7.37
N GLN B 23 8.92 -8.33 6.60
CA GLN B 23 7.62 -7.70 6.35
C GLN B 23 6.74 -7.65 7.59
N GLN B 24 6.96 -8.55 8.55
CA GLN B 24 6.21 -8.46 9.79
C GLN B 24 6.66 -7.29 10.67
N LEU B 25 7.82 -6.69 10.41
CA LEU B 25 8.29 -5.59 11.25
C LEU B 25 7.63 -4.27 10.85
N PRO B 26 6.91 -3.60 11.75
CA PRO B 26 6.32 -2.31 11.39
C PRO B 26 7.40 -1.27 11.12
N GLY B 27 7.19 -0.49 10.07
CA GLY B 27 8.15 0.46 9.58
C GLY B 27 8.99 -0.05 8.44
N MET B 28 9.09 -1.37 8.30
CA MET B 28 9.80 -1.97 7.19
C MET B 28 8.91 -1.95 5.96
N ARG B 29 9.51 -1.73 4.80
CA ARG B 29 8.75 -1.54 3.57
C ARG B 29 9.49 -2.19 2.42
N LEU B 30 8.77 -2.93 1.58
CA LEU B 30 9.36 -3.66 0.48
C LEU B 30 9.18 -2.86 -0.81
N HIS B 31 10.28 -2.58 -1.50
CA HIS B 31 10.24 -1.77 -2.71
C HIS B 31 10.36 -2.58 -3.98
N ALA B 32 11.12 -3.67 -3.94
CA ALA B 32 11.34 -4.50 -5.11
C ALA B 32 11.96 -5.82 -4.68
N SER B 33 11.77 -6.84 -5.50
CA SER B 33 12.35 -8.15 -5.27
C SER B 33 12.68 -8.75 -6.64
N TRP B 34 13.68 -9.60 -6.66
CA TRP B 34 14.06 -10.30 -7.89
C TRP B 34 14.51 -11.70 -7.48
N ASP B 35 15.23 -12.36 -8.38
CA ASP B 35 15.52 -13.77 -8.16
C ASP B 35 16.58 -14.00 -7.10
N SER B 36 17.48 -13.02 -6.89
CA SER B 36 18.56 -13.20 -5.92
C SER B 36 18.63 -12.07 -4.90
N GLY B 37 17.57 -11.29 -4.73
CA GLY B 37 17.63 -10.24 -3.72
C GLY B 37 16.32 -9.47 -3.63
N ALA B 38 16.32 -8.49 -2.73
CA ALA B 38 15.18 -7.61 -2.54
C ALA B 38 15.70 -6.28 -1.99
N TYR B 39 14.92 -5.22 -2.21
CA TYR B 39 15.24 -3.89 -1.71
C TYR B 39 14.18 -3.46 -0.73
N LEU B 40 14.59 -3.11 0.48
CA LEU B 40 13.65 -2.65 1.48
C LEU B 40 14.13 -1.33 2.07
N SER B 41 13.21 -0.60 2.68
CA SER B 41 13.56 0.61 3.40
C SER B 41 12.88 0.60 4.76
N CYS B 42 13.49 1.32 5.69
CA CYS B 42 12.96 1.50 7.03
C CYS B 42 13.39 2.90 7.46
N GLY B 43 12.46 3.85 7.35
CA GLY B 43 12.84 5.24 7.45
C GLY B 43 13.85 5.55 6.37
N ALA B 44 14.95 6.19 6.76
CA ALA B 44 16.00 6.50 5.80
C ALA B 44 16.89 5.31 5.48
N LEU B 45 16.72 4.19 6.19
CA LEU B 45 17.58 3.04 5.98
C LEU B 45 17.23 2.33 4.68
N TRP B 46 18.23 2.09 3.86
CA TRP B 46 18.11 1.27 2.66
C TRP B 46 18.64 -0.11 3.01
N LEU B 47 17.74 -1.08 3.14
CA LEU B 47 18.11 -2.44 3.49
C LEU B 47 18.03 -3.33 2.24
N CYS B 48 19.11 -4.05 1.98
CA CYS B 48 19.20 -4.93 0.83
C CYS B 48 19.41 -6.36 1.32
N LEU B 49 18.62 -7.28 0.79
CA LEU B 49 18.80 -8.70 1.05
C LEU B 49 19.43 -9.31 -0.19
N SER B 50 20.45 -10.14 0.01
CA SER B 50 21.20 -10.72 -1.09
C SER B 50 21.23 -12.22 -0.87
N LEU B 51 20.75 -12.97 -1.86
CA LEU B 51 20.68 -14.42 -1.74
C LEU B 51 22.08 -14.98 -1.93
N ASP B 52 22.53 -15.78 -0.97
CA ASP B 52 23.90 -16.28 -0.92
C ASP B 52 23.85 -17.70 -0.40
N GLU B 53 24.22 -18.68 -1.25
CA GLU B 53 24.24 -20.06 -0.80
C GLU B 53 25.44 -20.36 0.09
N GLN B 54 26.44 -19.48 0.12
CA GLN B 54 27.50 -19.53 1.13
C GLN B 54 27.13 -18.73 2.38
N ARG B 55 25.84 -18.57 2.65
CA ARG B 55 25.34 -18.02 3.91
C ARG B 55 24.76 -19.13 4.77
N ARG B 56 25.32 -19.32 5.98
CA ARG B 56 24.82 -20.28 6.95
C ARG B 56 23.82 -19.61 7.89
N LYS B 57 22.89 -20.40 8.41
CA LYS B 57 22.11 -19.97 9.55
C LYS B 57 22.91 -20.33 10.79
N THR B 58 23.45 -19.33 11.48
CA THR B 58 24.41 -19.56 12.54
C THR B 58 23.78 -19.31 13.89
N PRO B 59 23.96 -20.21 14.85
CA PRO B 59 23.46 -19.94 16.20
C PRO B 59 24.19 -18.75 16.80
N PRO B 60 23.52 -18.00 17.68
CA PRO B 60 24.14 -16.77 18.20
C PRO B 60 25.44 -16.96 18.95
N GLN B 61 25.65 -18.09 19.64
CA GLN B 61 26.92 -18.26 20.35
C GLN B 61 28.11 -18.47 19.41
N GLU B 62 27.89 -18.73 18.13
CA GLU B 62 28.96 -19.02 17.20
C GLU B 62 29.28 -17.85 16.29
N SER B 63 28.70 -16.68 16.55
CA SER B 63 29.02 -15.45 15.82
C SER B 63 29.47 -14.40 16.82
N ASP B 64 30.14 -13.36 16.33
CA ASP B 64 30.63 -12.32 17.23
C ASP B 64 29.52 -11.31 17.51
N TYR B 65 29.87 -10.20 18.14
CA TYR B 65 28.88 -9.25 18.65
C TYR B 65 28.37 -8.29 17.61
N THR B 66 28.86 -8.37 16.36
CA THR B 66 28.37 -7.50 15.30
C THR B 66 26.85 -7.60 15.19
N HIS B 67 26.17 -6.47 15.34
CA HIS B 67 24.71 -6.48 15.30
C HIS B 67 24.20 -5.18 14.69
N TYR B 68 22.91 -5.17 14.36
CA TYR B 68 22.28 -4.04 13.69
C TYR B 68 21.04 -3.66 14.49
N ALA B 69 20.97 -2.42 14.93
CA ALA B 69 19.90 -1.98 15.80
C ALA B 69 18.99 -1.00 15.07
N PHE B 70 17.70 -1.05 15.40
CA PHE B 70 16.69 -0.21 14.80
C PHE B 70 16.06 0.68 15.86
N SER B 71 15.75 1.92 15.49
CA SER B 71 15.20 2.89 16.42
C SER B 71 13.71 2.64 16.65
N VAL B 72 13.32 2.62 17.92
CA VAL B 72 11.92 2.58 18.33
C VAL B 72 11.70 3.64 19.39
N ALA B 73 10.60 4.37 19.29
CA ALA B 73 10.22 5.32 20.32
C ALA B 73 9.93 4.61 21.64
N GLU B 74 10.09 5.37 22.73
CA GLU B 74 9.86 4.80 24.06
C GLU B 74 8.42 4.37 24.23
N GLU B 75 7.49 5.15 23.68
CA GLU B 75 6.07 4.83 23.79
C GLU B 75 5.68 3.59 23.01
N GLU B 76 6.49 3.14 22.05
CA GLU B 76 6.12 2.00 21.24
C GLU B 76 7.06 0.81 21.40
N PHE B 77 8.06 0.91 22.27
CA PHE B 77 8.98 -0.21 22.45
C PHE B 77 8.27 -1.47 22.92
N ALA B 78 7.42 -1.34 23.96
CA ALA B 78 6.73 -2.51 24.49
C ALA B 78 5.87 -3.18 23.44
N GLY B 79 5.17 -2.39 22.62
CA GLY B 79 4.34 -2.97 21.58
C GLY B 79 5.11 -3.82 20.60
N VAL B 80 6.20 -3.28 20.06
CA VAL B 80 6.96 -3.99 19.03
C VAL B 80 7.58 -5.27 19.59
N VAL B 81 8.03 -5.21 20.86
CA VAL B 81 8.63 -6.40 21.46
C VAL B 81 7.59 -7.50 21.60
N ALA B 82 6.38 -7.14 22.07
CA ALA B 82 5.28 -8.11 22.17
C ALA B 82 4.96 -8.72 20.81
N LEU B 83 5.00 -7.90 19.75
CA LEU B 83 4.77 -8.40 18.41
C LEU B 83 5.83 -9.43 17.99
N LEU B 84 7.08 -9.20 18.34
CA LEU B 84 8.10 -10.20 17.99
C LEU B 84 8.06 -11.41 18.92
N ALA B 85 7.61 -11.25 20.16
CA ALA B 85 7.44 -12.40 21.03
C ALA B 85 6.33 -13.30 20.50
N GLN B 86 5.18 -12.72 20.14
CA GLN B 86 4.10 -13.51 19.57
C GLN B 86 4.50 -14.16 18.25
N ALA B 87 5.36 -13.50 17.47
CA ALA B 87 5.82 -14.10 16.23
C ALA B 87 6.80 -15.24 16.45
N GLY B 88 7.36 -15.37 17.66
CA GLY B 88 8.31 -16.42 17.94
C GLY B 88 9.75 -16.10 17.58
N ALA B 89 10.13 -14.83 17.51
CA ALA B 89 11.51 -14.46 17.19
C ALA B 89 12.47 -14.86 18.31
N GLU B 90 13.58 -15.51 17.95
CA GLU B 90 14.54 -15.96 18.95
C GLU B 90 15.38 -14.79 19.44
N VAL B 91 15.53 -14.70 20.76
CA VAL B 91 16.34 -13.70 21.45
C VAL B 91 17.75 -14.24 21.63
N TRP B 92 18.76 -13.38 21.51
CA TRP B 92 20.15 -13.84 21.60
C TRP B 92 20.94 -13.27 22.77
N LYS B 93 20.42 -12.29 23.50
CA LYS B 93 21.09 -11.82 24.71
C LYS B 93 20.14 -10.88 25.43
N ASP B 94 20.26 -10.82 26.76
CA ASP B 94 19.44 -9.98 27.67
C ASP B 94 18.56 -8.91 26.98
N ALA B 100 17.28 -0.09 27.55
CA ALA B 100 16.10 -0.13 26.72
C ALA B 100 16.38 -0.84 25.39
N SER B 101 16.69 -2.13 25.45
CA SER B 101 17.05 -2.87 24.25
C SER B 101 16.41 -4.25 24.25
N TYR B 102 16.12 -4.74 23.04
CA TYR B 102 15.58 -6.07 22.79
C TYR B 102 16.39 -6.67 21.66
N TYR B 103 16.96 -7.85 21.90
CA TYR B 103 17.90 -8.47 20.97
C TYR B 103 17.26 -9.69 20.34
N PHE B 104 17.06 -9.65 19.03
CA PHE B 104 16.40 -10.75 18.36
C PHE B 104 17.14 -11.05 17.08
N LEU B 105 17.02 -12.30 16.62
CA LEU B 105 17.70 -12.68 15.39
C LEU B 105 16.70 -12.81 14.25
N ASP B 106 17.23 -12.76 13.05
CA ASP B 106 16.51 -12.94 11.81
C ASP B 106 16.69 -14.38 11.35
N PRO B 107 15.92 -14.85 10.34
CA PRO B 107 15.92 -16.28 10.03
C PRO B 107 17.29 -16.89 9.78
N ASP B 108 18.27 -16.07 9.41
CA ASP B 108 19.62 -16.56 9.16
C ASP B 108 20.55 -16.37 10.34
N GLY B 109 20.10 -15.73 11.42
CA GLY B 109 20.94 -15.54 12.58
C GLY B 109 21.61 -14.19 12.69
N HIS B 110 21.38 -13.28 11.74
CA HIS B 110 21.84 -11.91 11.90
C HIS B 110 21.32 -11.36 13.21
N LYS B 111 22.21 -10.76 13.99
CA LYS B 111 21.84 -10.23 15.30
C LYS B 111 21.24 -8.84 15.10
N LEU B 112 20.00 -8.67 15.56
CA LEU B 112 19.29 -7.41 15.45
C LEU B 112 18.95 -6.92 16.86
N GLU B 113 18.52 -5.67 16.94
CA GLU B 113 18.21 -5.08 18.24
C GLU B 113 17.21 -3.96 18.05
N LEU B 114 16.30 -3.82 19.01
CA LEU B 114 15.46 -2.63 19.13
C LEU B 114 16.07 -1.78 20.23
N HIS B 115 16.21 -0.48 19.99
CA HIS B 115 16.84 0.38 20.96
C HIS B 115 16.17 1.74 20.99
N VAL B 116 15.94 2.26 22.20
CA VAL B 116 15.43 3.60 22.41
C VAL B 116 16.61 4.51 22.77
N GLY B 117 16.72 5.65 22.09
CA GLY B 117 17.78 6.60 22.37
C GLY B 117 18.78 6.71 21.23
N ASN B 118 19.44 7.87 21.14
CA ASN B 118 20.36 8.15 20.04
C ASN B 118 21.78 8.19 20.61
N LEU B 119 22.74 8.63 19.79
CA LEU B 119 24.10 8.73 20.28
C LEU B 119 24.27 9.88 21.28
N ALA B 120 23.50 10.98 21.11
CA ALA B 120 23.58 12.10 22.06
C ALA B 120 23.09 11.71 23.45
N GLN B 121 21.99 10.94 23.56
CA GLN B 121 21.57 10.55 24.91
C GLN B 121 22.53 9.55 25.52
N ARG B 122 23.22 8.73 24.71
CA ARG B 122 24.11 7.74 25.31
C ARG B 122 25.41 8.37 25.82
N LEU B 123 25.94 9.38 25.10
CA LEU B 123 27.12 10.06 25.60
C LEU B 123 26.81 10.88 26.85
N ALA B 124 25.64 11.49 26.89
CA ALA B 124 25.25 12.23 28.09
C ALA B 124 25.16 11.30 29.30
N ALA B 125 24.54 10.14 29.13
CA ALA B 125 24.51 9.16 30.21
C ALA B 125 25.92 8.69 30.54
N CYS B 126 26.77 8.52 29.52
CA CYS B 126 28.14 8.08 29.77
C CYS B 126 28.96 9.15 30.48
N ARG B 127 28.66 10.43 30.24
CA ARG B 127 29.33 11.50 30.97
C ARG B 127 29.06 11.38 32.47
N GLU B 128 27.80 11.15 32.84
CA GLU B 128 27.44 11.05 34.26
C GLU B 128 27.92 9.76 34.89
N ARG B 129 28.33 8.78 34.10
CA ARG B 129 28.80 7.51 34.63
C ARG B 129 29.69 6.84 33.61
N PRO B 130 30.98 7.19 33.55
CA PRO B 130 31.82 6.72 32.46
C PRO B 130 32.23 5.27 32.58
N TYR B 131 32.47 4.65 31.41
CA TYR B 131 33.09 3.34 31.37
C TYR B 131 34.56 3.42 31.77
N LYS B 132 35.17 2.25 31.92
CA LYS B 132 36.56 2.18 32.35
C LYS B 132 37.46 2.70 31.23
N GLY B 133 38.32 3.67 31.58
CA GLY B 133 39.22 4.24 30.60
C GLY B 133 38.58 5.12 29.55
N MET B 134 37.41 5.70 29.83
CA MET B 134 36.70 6.46 28.82
C MET B 134 37.29 7.85 28.65
N VAL B 135 37.39 8.27 27.39
CA VAL B 135 37.81 9.62 27.00
C VAL B 135 36.78 10.21 26.05
N PHE B 136 36.37 11.44 26.30
CA PHE B 136 35.49 12.19 25.43
C PHE B 136 36.32 13.16 24.61
N PHE B 137 35.89 13.43 23.39
CA PHE B 137 36.63 14.28 22.46
C PHE B 137 35.81 15.54 22.17
N ASP B 138 36.08 16.59 22.96
CA ASP B 138 35.38 17.87 22.89
C ASP B 138 33.87 17.66 22.92
N MET C 1 9.26 8.46 -12.43
CA MET C 1 9.02 8.60 -10.99
C MET C 1 9.87 9.71 -10.38
N LEU C 2 9.25 10.54 -9.53
CA LEU C 2 10.02 11.54 -8.79
C LEU C 2 10.80 10.85 -7.69
N GLN C 3 12.09 11.13 -7.62
CA GLN C 3 12.95 10.40 -6.68
C GLN C 3 13.20 11.19 -5.41
N GLY C 4 12.87 12.47 -5.41
CA GLY C 4 13.11 13.35 -4.28
C GLY C 4 13.25 14.78 -4.77
N LEU C 5 13.64 15.65 -3.84
CA LEU C 5 13.90 17.04 -4.20
C LEU C 5 15.21 17.15 -4.97
N ASN C 6 15.14 17.77 -6.15
CA ASN C 6 16.31 18.00 -6.99
C ASN C 6 17.04 19.27 -6.59
N HIS C 7 16.33 20.40 -6.53
CA HIS C 7 16.91 21.63 -6.03
C HIS C 7 15.81 22.53 -5.50
N LEU C 8 16.20 23.43 -4.61
CA LEU C 8 15.33 24.45 -4.05
C LEU C 8 15.81 25.81 -4.57
N THR C 9 14.93 26.54 -5.23
CA THR C 9 15.27 27.84 -5.80
C THR C 9 14.51 28.93 -5.08
N LEU C 10 15.24 29.88 -4.52
CA LEU C 10 14.69 31.04 -3.82
C LEU C 10 14.97 32.29 -4.64
N ALA C 11 13.93 33.09 -4.86
CA ALA C 11 14.10 34.38 -5.50
C ALA C 11 14.66 35.38 -4.50
N VAL C 12 15.63 36.17 -4.94
CA VAL C 12 16.28 37.14 -4.05
C VAL C 12 16.27 38.53 -4.69
N SER C 13 16.27 39.55 -3.83
CA SER C 13 16.28 40.95 -4.26
C SER C 13 17.66 41.56 -4.30
N ASP C 14 18.54 41.16 -3.40
CA ASP C 14 19.93 41.61 -3.36
C ASP C 14 20.75 40.35 -3.27
N LEU C 15 21.40 39.98 -4.37
CA LEU C 15 22.11 38.71 -4.33
C LEU C 15 23.19 38.74 -3.27
N ALA C 16 24.01 39.78 -3.29
CA ALA C 16 25.16 39.86 -2.39
C ALA C 16 24.73 39.84 -0.92
N SER C 17 23.61 40.49 -0.61
CA SER C 17 23.07 40.44 0.75
C SER C 17 22.65 39.03 1.12
N SER C 18 21.95 38.33 0.22
CA SER C 18 21.47 36.99 0.52
C SER C 18 22.61 35.98 0.63
N LEU C 19 23.64 36.07 -0.23
CA LEU C 19 24.70 35.07 -0.10
C LEU C 19 25.54 35.28 1.15
N ALA C 20 25.72 36.53 1.57
CA ALA C 20 26.38 36.75 2.85
C ALA C 20 25.62 36.06 3.96
N PHE C 21 24.29 36.15 3.90
CA PHE C 21 23.44 35.53 4.92
C PHE C 21 23.54 34.01 4.91
N TYR C 22 23.41 33.38 3.73
CA TYR C 22 23.37 31.92 3.68
C TYR C 22 24.74 31.32 3.90
N GLN C 23 25.80 32.03 3.50
CA GLN C 23 27.12 31.56 3.82
C GLN C 23 27.46 31.66 5.31
N GLN C 24 26.83 32.55 6.11
CA GLN C 24 27.20 32.46 7.54
C GLN C 24 26.62 31.23 8.24
N LEU C 25 25.68 30.52 7.61
CA LEU C 25 25.12 29.30 8.19
C LEU C 25 26.14 28.18 8.00
N PRO C 26 26.62 27.49 9.05
CA PRO C 26 27.60 26.41 8.84
C PRO C 26 26.97 25.29 8.05
N GLY C 27 27.73 24.76 7.09
CA GLY C 27 27.21 23.74 6.19
C GLY C 27 26.76 24.26 4.83
N MET C 28 26.47 25.55 4.71
CA MET C 28 26.15 26.09 3.40
C MET C 28 27.43 26.25 2.61
N ARG C 29 27.58 25.45 1.56
CA ARG C 29 28.79 25.43 0.75
C ARG C 29 28.47 26.02 -0.60
N LEU C 30 29.03 27.21 -0.86
CA LEU C 30 28.84 27.88 -2.13
C LEU C 30 29.78 27.29 -3.18
N HIS C 31 29.21 26.86 -4.31
CA HIS C 31 29.94 26.26 -5.40
C HIS C 31 30.24 27.24 -6.52
N ALA C 32 29.32 28.16 -6.80
CA ALA C 32 29.50 29.13 -7.88
C ALA C 32 28.47 30.24 -7.73
N SER C 33 28.82 31.41 -8.24
CA SER C 33 27.92 32.55 -8.26
C SER C 33 28.17 33.34 -9.53
N TRP C 34 27.15 34.06 -9.99
CA TRP C 34 27.27 34.89 -11.18
C TRP C 34 26.47 36.17 -10.91
N ASP C 35 26.18 36.91 -11.98
CA ASP C 35 25.59 38.24 -11.82
C ASP C 35 24.13 38.20 -11.44
N SER C 36 23.46 37.05 -11.53
CA SER C 36 22.05 36.96 -11.18
C SER C 36 21.70 35.70 -10.41
N GLY C 37 22.68 35.03 -9.80
CA GLY C 37 22.35 33.84 -9.02
C GLY C 37 23.58 33.24 -8.39
N ALA C 38 23.33 32.14 -7.67
CA ALA C 38 24.39 31.38 -7.01
C ALA C 38 23.95 29.94 -6.85
N TYR C 39 24.94 29.05 -6.73
CA TYR C 39 24.70 27.64 -6.48
C TYR C 39 25.35 27.27 -5.16
N LEU C 40 24.55 26.71 -4.25
CA LEU C 40 25.05 26.26 -2.96
C LEU C 40 24.62 24.82 -2.71
N SER C 41 25.32 24.16 -1.80
CA SER C 41 24.94 22.83 -1.38
C SER C 41 24.97 22.74 0.14
N CYS C 42 24.11 21.86 0.67
CA CYS C 42 24.06 21.61 2.10
C CYS C 42 23.63 20.16 2.27
N GLY C 43 24.61 19.28 2.49
CA GLY C 43 24.33 17.85 2.41
C GLY C 43 23.80 17.52 1.02
N ALA C 44 22.68 16.79 0.98
CA ALA C 44 22.09 16.46 -0.30
C ALA C 44 21.32 17.64 -0.91
N LEU C 45 21.11 18.71 -0.16
CA LEU C 45 20.34 19.84 -0.67
C LEU C 45 21.14 20.65 -1.68
N TRP C 46 20.56 20.86 -2.85
CA TRP C 46 21.09 21.77 -3.86
C TRP C 46 20.26 23.05 -3.78
N LEU C 47 20.86 24.13 -3.26
CA LEU C 47 20.13 25.38 -3.12
C LEU C 47 20.55 26.39 -4.18
N CYS C 48 19.56 26.97 -4.87
CA CYS C 48 19.70 28.04 -5.87
C CYS C 48 19.14 29.36 -5.40
N LEU C 49 19.93 30.40 -5.60
CA LEU C 49 19.50 31.77 -5.42
C LEU C 49 19.33 32.37 -6.79
N SER C 50 18.21 33.05 -7.01
CA SER C 50 17.92 33.65 -8.31
C SER C 50 17.50 35.09 -8.09
N LEU C 51 18.22 36.02 -8.71
CA LEU C 51 17.85 37.42 -8.59
C LEU C 51 16.67 37.69 -9.50
N ASP C 52 15.62 38.25 -8.91
CA ASP C 52 14.33 38.45 -9.54
C ASP C 52 13.87 39.82 -9.07
N GLU C 53 13.59 40.70 -10.03
CA GLU C 53 13.27 42.07 -9.68
C GLU C 53 11.84 42.23 -9.21
N GLN C 54 10.98 41.26 -9.50
CA GLN C 54 9.62 41.21 -8.96
C GLN C 54 9.58 40.50 -7.61
N ARG C 55 10.48 40.84 -6.68
CA ARG C 55 10.46 40.21 -5.37
C ARG C 55 10.55 41.27 -4.29
N ARG C 56 9.64 41.17 -3.32
CA ARG C 56 9.50 42.08 -2.20
C ARG C 56 9.95 41.44 -0.92
N LYS C 57 10.70 42.18 -0.09
CA LYS C 57 10.99 41.73 1.26
C LYS C 57 9.68 41.71 2.05
N THR C 58 8.99 40.56 2.05
CA THR C 58 7.67 40.49 2.66
C THR C 58 7.80 40.26 4.16
N PRO C 59 7.15 41.07 5.00
CA PRO C 59 7.12 40.77 6.43
C PRO C 59 6.26 39.54 6.69
N PRO C 60 6.56 38.77 7.73
CA PRO C 60 5.85 37.49 7.94
C PRO C 60 4.34 37.60 8.08
N GLN C 61 3.81 38.70 8.61
CA GLN C 61 2.36 38.78 8.78
C GLN C 61 1.61 38.81 7.45
N GLU C 62 2.31 39.01 6.34
CA GLU C 62 1.70 39.09 5.01
C GLU C 62 1.99 37.86 4.14
N SER C 63 2.61 36.81 4.69
CA SER C 63 2.88 35.59 3.93
C SER C 63 2.29 34.37 4.62
N ASP C 64 2.14 33.28 3.87
CA ASP C 64 1.54 32.06 4.39
C ASP C 64 2.61 31.24 5.13
N TYR C 65 2.27 30.00 5.49
CA TYR C 65 3.11 29.18 6.36
C TYR C 65 4.22 28.43 5.61
N THR C 66 4.31 28.58 4.29
CA THR C 66 5.34 27.91 3.51
C THR C 66 6.73 28.23 4.08
N HIS C 67 7.46 27.19 4.47
CA HIS C 67 8.78 27.37 5.06
C HIS C 67 9.68 26.21 4.67
N TYR C 68 10.97 26.41 4.91
CA TYR C 68 12.01 25.46 4.51
C TYR C 68 12.86 25.16 5.73
N ALA C 69 12.94 23.89 6.10
CA ALA C 69 13.60 23.48 7.33
C ALA C 69 14.89 22.74 7.03
N PHE C 70 15.87 22.92 7.91
CA PHE C 70 17.18 22.28 7.76
C PHE C 70 17.44 21.36 8.94
N SER C 71 18.07 20.23 8.66
CA SER C 71 18.38 19.24 9.69
C SER C 71 19.62 19.66 10.48
N VAL C 72 19.53 19.60 11.80
CA VAL C 72 20.64 19.82 12.70
C VAL C 72 20.66 18.68 13.72
N ALA C 73 21.87 18.23 14.06
CA ALA C 73 22.02 17.25 15.12
C ALA C 73 21.57 17.84 16.45
N GLU C 74 21.13 16.97 17.35
CA GLU C 74 20.65 17.42 18.65
C GLU C 74 21.76 18.08 19.46
N GLU C 75 22.97 17.52 19.38
CA GLU C 75 24.11 18.04 20.13
C GLU C 75 24.62 19.37 19.58
N GLU C 76 24.24 19.74 18.37
CA GLU C 76 24.74 20.97 17.77
C GLU C 76 23.64 21.98 17.54
N PHE C 77 22.39 21.64 17.86
CA PHE C 77 21.29 22.57 17.65
C PHE C 77 21.51 23.86 18.43
N ALA C 78 21.79 23.72 19.73
CA ALA C 78 21.88 24.90 20.60
C ALA C 78 22.94 25.88 20.11
N GLY C 79 24.10 25.38 19.66
CA GLY C 79 25.14 26.26 19.17
C GLY C 79 24.72 27.12 17.99
N VAL C 80 24.11 26.48 16.99
CA VAL C 80 23.75 27.20 15.76
C VAL C 80 22.72 28.29 16.04
N VAL C 81 21.82 28.08 17.02
CA VAL C 81 20.76 29.06 17.29
C VAL C 81 21.36 30.38 17.69
N ALA C 82 22.29 30.34 18.66
CA ALA C 82 22.98 31.55 19.09
C ALA C 82 23.71 32.21 17.94
N LEU C 83 24.27 31.41 17.02
CA LEU C 83 24.96 31.99 15.88
C LEU C 83 24.03 32.90 15.08
N LEU C 84 22.79 32.46 14.88
CA LEU C 84 21.83 33.30 14.16
C LEU C 84 21.22 34.35 15.08
N ALA C 85 21.13 34.07 16.37
CA ALA C 85 20.61 35.06 17.32
C ALA C 85 21.52 36.27 17.42
N GLN C 86 22.82 36.04 17.64
CA GLN C 86 23.76 37.15 17.71
C GLN C 86 23.84 37.86 16.36
N ALA C 87 23.63 37.12 15.27
CA ALA C 87 23.62 37.69 13.92
C ALA C 87 22.43 38.60 13.69
N GLY C 88 21.43 38.55 14.56
CA GLY C 88 20.27 39.41 14.42
C GLY C 88 19.24 38.89 13.45
N ALA C 89 19.22 37.59 13.18
CA ALA C 89 18.22 37.03 12.27
C ALA C 89 16.84 37.16 12.91
N GLU C 90 15.89 37.69 12.16
CA GLU C 90 14.56 37.95 12.69
C GLU C 90 13.81 36.64 12.86
N VAL C 91 13.17 36.48 14.02
CA VAL C 91 12.40 35.28 14.33
C VAL C 91 10.96 35.49 13.88
N TRP C 92 10.37 34.45 13.28
CA TRP C 92 9.03 34.59 12.73
C TRP C 92 7.98 33.71 13.40
N LYS C 93 8.34 32.82 14.33
CA LYS C 93 7.25 32.12 15.00
C LYS C 93 7.81 31.51 16.28
N ASP C 94 6.95 31.42 17.29
CA ASP C 94 7.34 31.08 18.67
C ASP C 94 7.84 29.65 18.83
N ASN C 95 8.91 29.47 19.64
CA ASN C 95 9.71 28.24 19.69
C ASN C 95 9.69 27.60 21.07
N ARG C 96 8.74 27.93 21.92
CA ARG C 96 8.81 27.48 23.32
C ARG C 96 8.18 26.11 23.54
N SER C 97 7.77 25.43 22.48
CA SER C 97 7.21 24.07 22.59
C SER C 97 7.28 23.46 21.19
N GLU C 98 8.36 22.75 20.90
CA GLU C 98 8.70 22.57 19.50
C GLU C 98 9.45 21.27 19.22
N GLY C 99 9.86 20.56 20.27
CA GLY C 99 10.79 19.46 20.08
C GLY C 99 12.20 19.99 20.01
N ALA C 100 12.65 20.32 18.80
CA ALA C 100 13.90 21.08 18.63
C ALA C 100 13.73 21.84 17.31
N SER C 101 13.20 23.07 17.41
CA SER C 101 12.90 23.93 16.27
C SER C 101 13.29 25.38 16.56
N TYR C 102 13.75 26.06 15.53
CA TYR C 102 14.05 27.50 15.58
C TYR C 102 13.63 28.13 14.26
N TYR C 103 12.77 29.14 14.32
CA TYR C 103 12.16 29.72 13.13
C TYR C 103 12.73 31.12 12.87
N PHE C 104 13.40 31.30 11.74
CA PHE C 104 14.05 32.58 11.43
C PHE C 104 13.83 32.95 9.97
N LEU C 105 13.94 34.24 9.68
CA LEU C 105 13.76 34.72 8.33
C LEU C 105 15.09 35.00 7.66
N ASP C 106 15.07 35.02 6.35
CA ASP C 106 16.20 35.41 5.53
C ASP C 106 15.98 36.84 5.05
N PRO C 107 17.05 37.50 4.53
CA PRO C 107 16.96 38.94 4.22
C PRO C 107 15.79 39.29 3.33
N ASP C 108 15.28 38.29 2.63
CA ASP C 108 14.15 38.46 1.74
C ASP C 108 12.79 38.11 2.35
N GLY C 109 12.76 37.52 3.55
CA GLY C 109 11.50 37.14 4.18
C GLY C 109 11.11 35.69 3.99
N HIS C 110 11.91 34.91 3.26
CA HIS C 110 11.71 33.48 3.20
C HIS C 110 11.77 32.90 4.60
N LYS C 111 10.75 32.13 4.95
CA LYS C 111 10.67 31.57 6.28
C LYS C 111 11.48 30.28 6.33
N LEU C 112 12.46 30.23 7.22
CA LEU C 112 13.30 29.06 7.39
C LEU C 112 13.17 28.56 8.82
N GLU C 113 13.71 27.37 9.04
CA GLU C 113 13.59 26.70 10.33
C GLU C 113 14.75 25.74 10.49
N LEU C 114 15.23 25.61 11.71
CA LEU C 114 16.09 24.51 12.09
C LEU C 114 15.23 23.48 12.81
N HIS C 115 15.45 22.21 12.49
CA HIS C 115 14.67 21.18 13.13
C HIS C 115 15.55 19.96 13.38
N VAL C 116 15.45 19.43 14.59
CA VAL C 116 16.08 18.16 14.96
C VAL C 116 15.00 17.10 14.92
N GLY C 117 15.27 16.01 14.23
CA GLY C 117 14.33 14.92 14.13
C GLY C 117 13.81 14.78 12.70
N ASN C 118 13.43 13.56 12.35
CA ASN C 118 12.99 13.24 11.02
C ASN C 118 11.50 12.93 11.00
N LEU C 119 11.00 12.49 9.82
CA LEU C 119 9.58 12.20 9.68
C LEU C 119 9.18 10.98 10.48
N ALA C 120 10.08 10.01 10.60
CA ALA C 120 9.79 8.81 11.38
C ALA C 120 9.58 9.15 12.85
N GLN C 121 10.41 10.05 13.38
CA GLN C 121 10.24 10.45 14.78
C GLN C 121 8.99 11.30 14.98
N ARG C 122 8.67 12.15 14.00
CA ARG C 122 7.45 12.96 14.11
C ARG C 122 6.20 12.10 14.03
N LEU C 123 6.20 11.07 13.20
CA LEU C 123 5.05 10.18 13.14
C LEU C 123 4.90 9.40 14.44
N ALA C 124 6.03 8.95 15.02
CA ALA C 124 5.96 8.27 16.31
C ALA C 124 5.39 9.18 17.39
N ALA C 125 5.85 10.44 17.44
CA ALA C 125 5.30 11.40 18.38
C ALA C 125 3.82 11.64 18.11
N CYS C 126 3.44 11.67 16.83
CA CYS C 126 2.04 11.88 16.47
C CYS C 126 1.17 10.67 16.82
N ARG C 127 1.74 9.47 16.82
CA ARG C 127 0.95 8.30 17.22
C ARG C 127 0.71 8.29 18.72
N GLU C 128 1.67 8.76 19.52
CA GLU C 128 1.46 8.91 20.95
C GLU C 128 0.37 9.92 21.27
N ARG C 129 0.38 11.07 20.60
CA ARG C 129 -0.55 12.16 20.88
C ARG C 129 -0.95 12.78 19.55
N PRO C 130 -2.07 12.33 18.97
CA PRO C 130 -2.40 12.72 17.59
C PRO C 130 -3.07 14.08 17.46
N TYR C 131 -2.90 14.68 16.29
CA TYR C 131 -3.64 15.86 15.92
C TYR C 131 -5.11 15.50 15.70
N LYS C 132 -5.94 16.53 15.58
CA LYS C 132 -7.37 16.30 15.45
C LYS C 132 -7.67 15.67 14.10
N GLY C 133 -8.41 14.56 14.13
CA GLY C 133 -8.80 13.85 12.91
C GLY C 133 -7.66 13.19 12.18
N MET C 134 -6.58 12.86 12.87
CA MET C 134 -5.41 12.30 12.18
C MET C 134 -5.64 10.83 11.88
N VAL C 135 -5.25 10.42 10.68
CA VAL C 135 -5.28 9.04 10.24
C VAL C 135 -3.90 8.69 9.71
N PHE C 136 -3.36 7.56 10.15
CA PHE C 136 -2.04 7.10 9.73
C PHE C 136 -2.19 6.01 8.68
N PHE C 137 -1.26 5.97 7.74
CA PHE C 137 -1.33 5.01 6.65
C PHE C 137 -0.13 4.08 6.60
N ASP C 138 0.70 4.10 7.63
CA ASP C 138 1.76 3.13 7.80
C ASP C 138 1.36 2.26 8.97
N HIS C 139 1.09 0.98 8.69
CA HIS C 139 0.51 0.08 9.68
C HIS C 139 1.36 0.00 10.94
N HIS C 140 0.68 0.05 12.09
CA HIS C 140 1.34 0.03 13.39
C HIS C 140 0.40 -0.62 14.39
N HIS C 141 0.96 -1.00 15.54
CA HIS C 141 0.15 -1.57 16.62
C HIS C 141 0.31 -0.78 17.90
N HIS C 142 0.23 0.55 17.78
CA HIS C 142 0.18 1.45 18.94
C HIS C 142 -1.24 1.39 19.49
N HIS C 143 -1.41 0.73 20.63
CA HIS C 143 -2.72 0.42 21.20
C HIS C 143 -3.59 -0.36 20.21
N MET D 1 26.19 21.96 12.65
CA MET D 1 26.12 22.25 11.22
C MET D 1 24.76 21.81 10.66
N LEU D 2 24.35 22.47 9.57
CA LEU D 2 23.12 22.11 8.89
C LEU D 2 23.40 20.90 7.98
N GLN D 3 22.59 19.85 8.14
CA GLN D 3 22.85 18.58 7.49
C GLN D 3 22.03 18.39 6.22
N GLY D 4 21.29 19.41 5.80
CA GLY D 4 20.48 19.34 4.60
C GLY D 4 19.06 19.76 4.87
N LEU D 5 18.24 19.67 3.82
CA LEU D 5 16.84 20.01 3.96
C LEU D 5 16.16 19.00 4.88
N ASN D 6 15.55 19.49 5.95
CA ASN D 6 14.84 18.61 6.87
C ASN D 6 13.46 18.29 6.30
N HIS D 7 12.66 19.32 6.04
CA HIS D 7 11.38 19.14 5.38
C HIS D 7 11.04 20.40 4.60
N LEU D 8 10.05 20.26 3.71
CA LEU D 8 9.47 21.35 2.95
C LEU D 8 7.99 21.42 3.29
N THR D 9 7.50 22.61 3.62
CA THR D 9 6.11 22.80 4.02
C THR D 9 5.43 23.77 3.05
N LEU D 10 4.33 23.32 2.45
CA LEU D 10 3.53 24.14 1.55
C LEU D 10 2.20 24.48 2.20
N ALA D 11 1.88 25.77 2.23
CA ALA D 11 0.56 26.19 2.66
C ALA D 11 -0.46 25.93 1.55
N VAL D 12 -1.61 25.37 1.92
CA VAL D 12 -2.63 24.98 0.96
C VAL D 12 -4.00 25.49 1.40
N SER D 13 -4.88 25.70 0.43
CA SER D 13 -6.22 26.21 0.70
C SER D 13 -7.27 25.12 0.77
N ASP D 14 -7.05 23.98 0.10
CA ASP D 14 -8.00 22.87 0.10
C ASP D 14 -7.18 21.59 0.28
N LEU D 15 -7.12 21.09 1.52
CA LEU D 15 -6.30 19.93 1.82
C LEU D 15 -6.66 18.72 0.95
N ALA D 16 -7.96 18.45 0.78
CA ALA D 16 -8.37 17.34 -0.06
C ALA D 16 -7.94 17.53 -1.51
N SER D 17 -7.92 18.77 -1.98
CA SER D 17 -7.54 19.00 -3.37
C SER D 17 -6.04 18.88 -3.56
N SER D 18 -5.25 19.40 -2.62
CA SER D 18 -3.80 19.25 -2.69
C SER D 18 -3.41 17.78 -2.56
N LEU D 19 -4.06 17.04 -1.66
CA LEU D 19 -3.79 15.62 -1.53
C LEU D 19 -4.03 14.88 -2.84
N ALA D 20 -5.13 15.17 -3.52
CA ALA D 20 -5.42 14.50 -4.78
C ALA D 20 -4.37 14.83 -5.83
N PHE D 21 -3.88 16.06 -5.83
CA PHE D 21 -2.88 16.44 -6.82
C PHE D 21 -1.55 15.74 -6.58
N TYR D 22 -1.09 15.73 -5.33
CA TYR D 22 0.19 15.12 -5.05
C TYR D 22 0.14 13.60 -5.06
N GLN D 23 -1.04 13.00 -4.86
CA GLN D 23 -1.15 11.56 -4.93
C GLN D 23 -1.03 11.02 -6.34
N GLN D 24 -1.30 11.85 -7.36
CA GLN D 24 -1.10 11.42 -8.73
C GLN D 24 0.36 11.48 -9.18
N LEU D 25 1.24 12.09 -8.39
CA LEU D 25 2.64 12.13 -8.76
C LEU D 25 3.30 10.82 -8.38
N PRO D 26 3.79 10.04 -9.35
CA PRO D 26 4.46 8.77 -9.00
C PRO D 26 5.73 9.02 -8.21
N GLY D 27 5.88 8.28 -7.12
CA GLY D 27 6.95 8.47 -6.18
C GLY D 27 6.54 9.22 -4.93
N MET D 28 5.36 9.83 -4.93
CA MET D 28 4.85 10.51 -3.75
C MET D 28 4.14 9.50 -2.86
N ARG D 29 4.27 9.66 -1.55
CA ARG D 29 3.71 8.69 -0.61
C ARG D 29 3.08 9.42 0.56
N LEU D 30 1.77 9.23 0.72
CA LEU D 30 1.02 9.84 1.81
C LEU D 30 1.16 9.00 3.07
N HIS D 31 1.75 9.58 4.12
CA HIS D 31 2.03 8.88 5.37
C HIS D 31 0.97 9.13 6.44
N ALA D 32 0.42 10.33 6.52
CA ALA D 32 -0.56 10.66 7.54
C ALA D 32 -1.29 11.92 7.12
N SER D 33 -2.53 12.05 7.59
CA SER D 33 -3.32 13.23 7.29
C SER D 33 -4.17 13.55 8.51
N TRP D 34 -4.47 14.84 8.68
CA TRP D 34 -5.34 15.28 9.77
C TRP D 34 -6.19 16.43 9.23
N ASP D 35 -6.82 17.17 10.14
CA ASP D 35 -7.82 18.14 9.71
C ASP D 35 -7.21 19.37 9.08
N SER D 36 -5.97 19.71 9.43
CA SER D 36 -5.35 20.95 8.95
C SER D 36 -3.98 20.68 8.34
N GLY D 37 -3.74 19.47 7.86
CA GLY D 37 -2.46 19.19 7.24
C GLY D 37 -2.31 17.73 6.88
N ALA D 38 -1.18 17.44 6.23
CA ALA D 38 -0.83 16.08 5.84
C ALA D 38 0.70 15.96 5.80
N TYR D 39 1.17 14.72 5.95
CA TYR D 39 2.59 14.40 5.86
C TYR D 39 2.80 13.46 4.68
N LEU D 40 3.70 13.83 3.78
CA LEU D 40 4.06 12.98 2.65
C LEU D 40 5.58 12.87 2.57
N SER D 41 6.04 11.93 1.76
CA SER D 41 7.45 11.81 1.46
C SER D 41 7.62 11.54 -0.03
N CYS D 42 8.83 11.82 -0.51
CA CYS D 42 9.17 11.57 -1.92
C CYS D 42 10.66 11.28 -1.93
N GLY D 43 11.02 10.01 -1.94
CA GLY D 43 12.39 9.66 -1.65
C GLY D 43 12.73 10.15 -0.25
N ALA D 44 13.89 10.78 -0.11
CA ALA D 44 14.29 11.31 1.18
C ALA D 44 13.53 12.58 1.56
N LEU D 45 12.86 13.23 0.61
CA LEU D 45 12.21 14.50 0.89
C LEU D 45 11.01 14.31 1.82
N TRP D 46 10.91 15.16 2.82
CA TRP D 46 9.77 15.18 3.74
C TRP D 46 8.91 16.38 3.36
N LEU D 47 7.79 16.11 2.70
CA LEU D 47 6.87 17.15 2.24
C LEU D 47 5.70 17.28 3.20
N CYS D 48 5.49 18.49 3.70
CA CYS D 48 4.39 18.80 4.61
C CYS D 48 3.42 19.75 3.93
N LEU D 49 2.13 19.44 4.03
CA LEU D 49 1.05 20.32 3.58
C LEU D 49 0.35 20.88 4.80
N SER D 50 0.20 22.20 4.86
CA SER D 50 -0.43 22.86 6.01
C SER D 50 -1.59 23.71 5.52
N LEU D 51 -2.80 23.39 6.00
CA LEU D 51 -4.00 24.12 5.62
C LEU D 51 -3.92 25.56 6.13
N ASP D 52 -4.19 26.51 5.23
CA ASP D 52 -4.00 27.93 5.51
C ASP D 52 -5.13 28.72 4.85
N GLU D 53 -5.98 29.35 5.65
CA GLU D 53 -7.02 30.21 5.10
C GLU D 53 -6.43 31.46 4.47
N GLN D 54 -5.30 31.95 5.01
CA GLN D 54 -4.58 33.09 4.45
C GLN D 54 -3.74 32.64 3.27
N ARG D 55 -4.33 31.85 2.37
CA ARG D 55 -3.64 31.35 1.19
C ARG D 55 -4.57 31.50 0.00
N ARG D 56 -4.16 32.32 -0.97
CA ARG D 56 -4.87 32.46 -2.23
C ARG D 56 -4.17 31.63 -3.30
N LYS D 57 -4.94 31.18 -4.27
CA LYS D 57 -4.38 30.51 -5.44
C LYS D 57 -3.78 31.58 -6.35
N THR D 58 -2.45 31.70 -6.37
CA THR D 58 -1.80 32.79 -7.06
C THR D 58 -1.39 32.35 -8.44
N PRO D 59 -1.82 33.02 -9.50
CA PRO D 59 -1.39 32.63 -10.86
C PRO D 59 0.09 32.92 -11.05
N PRO D 60 0.76 32.23 -11.97
CA PRO D 60 2.23 32.33 -12.04
C PRO D 60 2.73 33.73 -12.34
N GLN D 61 1.90 34.58 -12.93
CA GLN D 61 2.32 35.94 -13.25
C GLN D 61 2.46 36.79 -11.99
N GLU D 62 1.71 36.48 -10.93
CA GLU D 62 1.66 37.31 -9.73
C GLU D 62 2.53 36.78 -8.61
N SER D 63 3.47 35.88 -8.90
CA SER D 63 4.37 35.35 -7.89
C SER D 63 5.79 35.32 -8.44
N ASP D 64 6.76 35.23 -7.54
CA ASP D 64 8.16 35.31 -7.90
C ASP D 64 8.65 33.96 -8.45
N TYR D 65 9.95 33.90 -8.72
CA TYR D 65 10.57 32.73 -9.35
C TYR D 65 10.89 31.61 -8.37
N THR D 66 10.57 31.78 -7.09
CA THR D 66 10.75 30.71 -6.12
C THR D 66 9.98 29.47 -6.56
N HIS D 67 10.69 28.34 -6.68
CA HIS D 67 10.08 27.10 -7.16
C HIS D 67 10.79 25.91 -6.52
N TYR D 68 10.17 24.73 -6.67
CA TYR D 68 10.66 23.50 -6.07
C TYR D 68 10.72 22.42 -7.15
N ALA D 69 11.92 21.88 -7.38
CA ALA D 69 12.16 20.96 -8.48
C ALA D 69 12.45 19.57 -7.93
N PHE D 70 11.80 18.57 -8.52
CA PHE D 70 11.93 17.18 -8.08
C PHE D 70 12.74 16.40 -9.11
N SER D 71 13.54 15.46 -8.63
CA SER D 71 14.42 14.67 -9.48
C SER D 71 13.64 13.60 -10.24
N VAL D 72 13.93 13.47 -11.53
CA VAL D 72 13.36 12.43 -12.38
C VAL D 72 14.46 11.90 -13.30
N ALA D 73 14.52 10.58 -13.46
CA ALA D 73 15.52 9.98 -14.32
C ALA D 73 15.34 10.43 -15.76
N GLU D 74 16.44 10.39 -16.52
CA GLU D 74 16.39 10.77 -17.93
C GLU D 74 15.45 9.86 -18.71
N GLU D 75 15.46 8.56 -18.41
CA GLU D 75 14.67 7.57 -19.12
C GLU D 75 13.20 7.57 -18.71
N GLU D 76 12.81 8.37 -17.72
CA GLU D 76 11.43 8.44 -17.25
C GLU D 76 10.87 9.85 -17.27
N PHE D 77 11.64 10.84 -17.76
CA PHE D 77 11.19 12.23 -17.74
C PHE D 77 9.96 12.43 -18.62
N ALA D 78 9.98 11.87 -19.84
CA ALA D 78 8.86 12.05 -20.75
C ALA D 78 7.59 11.42 -20.19
N GLY D 79 7.71 10.29 -19.51
CA GLY D 79 6.53 9.61 -18.99
C GLY D 79 5.79 10.43 -17.95
N VAL D 80 6.54 10.98 -16.98
CA VAL D 80 5.91 11.80 -15.95
C VAL D 80 5.37 13.09 -16.56
N VAL D 81 6.05 13.63 -17.57
CA VAL D 81 5.54 14.80 -18.28
C VAL D 81 4.21 14.48 -18.95
N ALA D 82 4.16 13.38 -19.69
CA ALA D 82 2.94 12.99 -20.39
C ALA D 82 1.79 12.80 -19.41
N LEU D 83 2.07 12.21 -18.25
CA LEU D 83 1.03 11.94 -17.27
C LEU D 83 0.47 13.23 -16.69
N LEU D 84 1.33 14.22 -16.46
CA LEU D 84 0.87 15.51 -15.95
C LEU D 84 0.09 16.29 -17.01
N ALA D 85 0.46 16.13 -18.28
CA ALA D 85 -0.31 16.73 -19.35
C ALA D 85 -1.68 16.08 -19.47
N GLN D 86 -1.72 14.75 -19.41
CA GLN D 86 -2.99 14.04 -19.43
C GLN D 86 -3.84 14.40 -18.21
N ALA D 87 -3.20 14.78 -17.10
CA ALA D 87 -3.95 15.18 -15.92
C ALA D 87 -4.42 16.63 -15.99
N GLY D 88 -3.85 17.44 -16.89
CA GLY D 88 -4.26 18.83 -17.02
C GLY D 88 -3.60 19.79 -16.06
N ALA D 89 -2.30 19.63 -15.83
CA ALA D 89 -1.59 20.57 -14.96
C ALA D 89 -1.29 21.86 -15.70
N GLU D 90 -1.27 22.97 -14.95
CA GLU D 90 -0.98 24.27 -15.53
C GLU D 90 0.52 24.48 -15.61
N VAL D 91 1.02 24.67 -16.83
CA VAL D 91 2.43 24.97 -17.05
C VAL D 91 2.66 26.45 -16.77
N TRP D 92 3.86 26.78 -16.26
CA TRP D 92 4.16 28.16 -15.91
C TRP D 92 5.44 28.72 -16.53
N LYS D 93 6.21 27.92 -17.26
CA LYS D 93 7.38 28.47 -17.94
C LYS D 93 7.78 27.55 -19.09
N ASP D 94 8.66 28.08 -19.94
CA ASP D 94 9.14 27.40 -21.15
C ASP D 94 9.90 26.13 -20.82
N ALA D 100 16.92 19.63 -19.39
CA ALA D 100 15.62 18.97 -19.43
C ALA D 100 14.80 19.31 -18.20
N SER D 101 13.77 20.15 -18.37
CA SER D 101 12.94 20.57 -17.25
C SER D 101 11.49 20.70 -17.71
N TYR D 102 10.58 20.43 -16.77
CA TYR D 102 9.14 20.60 -16.97
C TYR D 102 8.61 21.43 -15.81
N TYR D 103 7.91 22.51 -16.13
CA TYR D 103 7.48 23.50 -15.13
C TYR D 103 5.96 23.48 -15.03
N PHE D 104 5.45 23.11 -13.85
CA PHE D 104 4.02 22.96 -13.64
C PHE D 104 3.66 23.45 -12.24
N LEU D 105 2.37 23.69 -12.04
CA LEU D 105 1.83 24.27 -10.81
C LEU D 105 1.00 23.25 -10.06
N ASP D 106 0.93 23.43 -8.73
CA ASP D 106 0.05 22.65 -7.88
C ASP D 106 -1.26 23.43 -7.76
N PRO D 107 -2.31 22.91 -7.11
CA PRO D 107 -3.61 23.62 -7.12
C PRO D 107 -3.56 25.04 -6.56
N ASP D 108 -2.59 25.38 -5.72
CA ASP D 108 -2.54 26.70 -5.10
C ASP D 108 -1.54 27.65 -5.77
N GLY D 109 -0.90 27.23 -6.87
CA GLY D 109 0.02 28.08 -7.57
C GLY D 109 1.47 27.91 -7.19
N HIS D 110 1.79 27.02 -6.25
CA HIS D 110 3.18 26.69 -5.99
C HIS D 110 3.84 26.25 -7.28
N LYS D 111 5.04 26.75 -7.53
CA LYS D 111 5.76 26.47 -8.76
C LYS D 111 6.63 25.24 -8.57
N LEU D 112 6.35 24.19 -9.33
CA LEU D 112 7.10 22.95 -9.25
C LEU D 112 7.86 22.72 -10.54
N GLU D 113 8.82 21.79 -10.50
CA GLU D 113 9.62 21.50 -11.67
C GLU D 113 10.05 20.04 -11.66
N LEU D 114 10.03 19.42 -12.83
CA LEU D 114 10.71 18.15 -13.03
C LEU D 114 12.06 18.43 -13.68
N HIS D 115 13.13 17.91 -13.10
CA HIS D 115 14.45 18.20 -13.64
C HIS D 115 15.30 16.95 -13.71
N VAL D 116 16.07 16.84 -14.78
CA VAL D 116 17.03 15.75 -14.99
C VAL D 116 18.43 16.32 -14.77
N GLY D 117 19.18 15.72 -13.86
CA GLY D 117 20.53 16.13 -13.57
C GLY D 117 20.65 16.74 -12.18
N ASN D 118 21.86 16.68 -11.63
CA ASN D 118 22.12 17.19 -10.29
C ASN D 118 22.99 18.45 -10.36
N LEU D 119 23.47 18.88 -9.20
CA LEU D 119 24.31 20.07 -9.12
C LEU D 119 25.70 19.82 -9.69
N ALA D 120 26.19 18.58 -9.65
CA ALA D 120 27.50 18.29 -10.21
C ALA D 120 27.52 18.46 -11.72
N GLN D 121 26.45 18.04 -12.40
CA GLN D 121 26.42 18.14 -13.85
C GLN D 121 26.18 19.56 -14.33
N ARG D 122 25.35 20.33 -13.62
CA ARG D 122 25.09 21.71 -14.04
C ARG D 122 26.37 22.53 -14.01
N LEU D 123 27.16 22.40 -12.93
CA LEU D 123 28.43 23.10 -12.86
C LEU D 123 29.36 22.65 -13.98
N ALA D 124 29.36 21.35 -14.29
CA ALA D 124 30.13 20.85 -15.43
C ALA D 124 29.73 21.56 -16.72
N ALA D 125 28.42 21.67 -16.96
CA ALA D 125 27.94 22.44 -18.10
C ALA D 125 28.26 23.92 -17.96
N CYS D 126 28.41 24.40 -16.73
CA CYS D 126 28.76 25.80 -16.50
C CYS D 126 30.26 26.05 -16.66
N ARG D 127 31.10 25.05 -16.38
CA ARG D 127 32.53 25.19 -16.64
C ARG D 127 32.80 25.41 -18.12
N GLU D 128 32.13 24.62 -18.98
CA GLU D 128 32.34 24.72 -20.41
C GLU D 128 31.76 26.01 -20.98
N ARG D 129 30.62 26.45 -20.46
CA ARG D 129 29.94 27.64 -20.96
C ARG D 129 29.38 28.44 -19.79
N PRO D 130 30.16 29.39 -19.27
CA PRO D 130 29.74 30.10 -18.05
C PRO D 130 28.76 31.23 -18.31
N TYR D 131 27.91 31.49 -17.31
CA TYR D 131 27.10 32.69 -17.32
C TYR D 131 28.00 33.93 -17.22
N LYS D 132 27.39 35.10 -17.39
CA LYS D 132 28.12 36.35 -17.27
C LYS D 132 28.59 36.55 -15.83
N GLY D 133 29.91 36.59 -15.64
CA GLY D 133 30.47 36.88 -14.34
C GLY D 133 30.56 35.72 -13.38
N MET D 134 30.55 34.48 -13.87
CA MET D 134 30.54 33.35 -12.97
C MET D 134 31.90 33.14 -12.32
N VAL D 135 31.88 32.76 -11.04
CA VAL D 135 33.07 32.39 -10.30
C VAL D 135 32.83 31.03 -9.64
N PHE D 136 33.74 30.09 -9.86
CA PHE D 136 33.66 28.77 -9.25
C PHE D 136 34.48 28.73 -7.96
N PHE D 137 34.01 27.92 -7.00
CA PHE D 137 34.69 27.75 -5.73
C PHE D 137 34.88 26.26 -5.40
N MET E 1 -34.80 -10.20 -6.81
CA MET E 1 -34.38 -11.14 -5.78
C MET E 1 -33.15 -10.63 -5.02
N LEU E 2 -33.17 -10.76 -3.70
CA LEU E 2 -32.01 -10.37 -2.89
C LEU E 2 -30.87 -11.35 -3.12
N GLN E 3 -29.71 -10.81 -3.47
CA GLN E 3 -28.57 -11.62 -3.89
C GLN E 3 -27.50 -11.77 -2.81
N GLY E 4 -27.58 -11.02 -1.73
CA GLY E 4 -26.59 -11.11 -0.68
C GLY E 4 -26.49 -9.80 0.06
N LEU E 5 -25.53 -9.74 0.98
CA LEU E 5 -25.26 -8.51 1.70
C LEU E 5 -24.56 -7.53 0.77
N ASN E 6 -25.13 -6.34 0.62
CA ASN E 6 -24.51 -5.34 -0.24
C ASN E 6 -23.43 -4.56 0.49
N HIS E 7 -23.78 -3.98 1.64
CA HIS E 7 -22.79 -3.31 2.48
C HIS E 7 -23.29 -3.30 3.92
N LEU E 8 -22.36 -3.16 4.85
CA LEU E 8 -22.64 -3.00 6.26
C LEU E 8 -22.23 -1.60 6.68
N THR E 9 -23.18 -0.82 7.22
CA THR E 9 -22.93 0.56 7.61
C THR E 9 -23.06 0.68 9.13
N LEU E 10 -21.98 1.12 9.78
CA LEU E 10 -21.93 1.31 11.22
C LEU E 10 -21.83 2.80 11.54
N ALA E 11 -22.69 3.27 12.45
CA ALA E 11 -22.62 4.65 12.91
C ALA E 11 -21.50 4.79 13.93
N VAL E 12 -20.66 5.81 13.74
CA VAL E 12 -19.52 6.05 14.61
C VAL E 12 -19.55 7.49 15.09
N SER E 13 -19.02 7.72 16.28
CA SER E 13 -19.03 9.07 16.86
C SER E 13 -17.78 9.85 16.54
N ASP E 14 -16.63 9.18 16.38
CA ASP E 14 -15.37 9.80 15.99
C ASP E 14 -14.75 8.99 14.87
N LEU E 15 -14.77 9.56 13.65
CA LEU E 15 -14.30 8.83 12.48
C LEU E 15 -12.84 8.41 12.63
N ALA E 16 -11.98 9.31 13.11
CA ALA E 16 -10.55 8.99 13.23
C ALA E 16 -10.32 7.88 14.24
N SER E 17 -11.09 7.87 15.32
CA SER E 17 -10.93 6.80 16.31
C SER E 17 -11.33 5.46 15.71
N SER E 18 -12.43 5.40 14.96
CA SER E 18 -12.86 4.15 14.34
C SER E 18 -11.89 3.69 13.25
N LEU E 19 -11.34 4.61 12.47
CA LEU E 19 -10.45 4.18 11.40
C LEU E 19 -9.17 3.58 11.96
N ALA E 20 -8.65 4.13 13.06
CA ALA E 20 -7.50 3.50 13.70
C ALA E 20 -7.83 2.09 14.17
N PHE E 21 -9.03 1.90 14.73
CA PHE E 21 -9.41 0.59 15.25
C PHE E 21 -9.53 -0.44 14.14
N TYR E 22 -10.21 -0.10 13.05
CA TYR E 22 -10.44 -1.08 11.99
C TYR E 22 -9.18 -1.32 11.15
N GLN E 23 -8.28 -0.33 11.06
CA GLN E 23 -7.05 -0.55 10.30
C GLN E 23 -6.11 -1.55 10.97
N GLN E 24 -6.22 -1.71 12.28
CA GLN E 24 -5.40 -2.70 12.97
C GLN E 24 -5.85 -4.13 12.73
N LEU E 25 -7.08 -4.35 12.27
CA LEU E 25 -7.55 -5.72 11.97
C LEU E 25 -6.97 -6.18 10.64
N PRO E 26 -6.19 -7.25 10.61
CA PRO E 26 -5.65 -7.73 9.33
C PRO E 26 -6.75 -8.23 8.40
N GLY E 27 -6.64 -7.84 7.13
CA GLY E 27 -7.66 -8.09 6.14
C GLY E 27 -8.55 -6.91 5.88
N MET E 28 -8.61 -5.96 6.82
CA MET E 28 -9.39 -4.75 6.64
C MET E 28 -8.61 -3.77 5.76
N ARG E 29 -9.29 -3.19 4.79
CA ARG E 29 -8.64 -2.32 3.82
C ARG E 29 -9.45 -1.03 3.68
N LEU E 30 -8.76 0.11 3.71
CA LEU E 30 -9.41 1.41 3.66
C LEU E 30 -9.32 1.96 2.24
N HIS E 31 -10.46 2.28 1.67
CA HIS E 31 -10.54 2.74 0.28
C HIS E 31 -10.71 4.24 0.12
N ALA E 32 -11.45 4.87 1.03
CA ALA E 32 -11.71 6.29 0.93
C ALA E 32 -12.23 6.80 2.26
N SER E 33 -12.05 8.09 2.47
CA SER E 33 -12.56 8.76 3.66
C SER E 33 -12.96 10.17 3.27
N TRP E 34 -13.94 10.71 3.97
CA TRP E 34 -14.36 12.09 3.75
C TRP E 34 -14.74 12.68 5.10
N ASP E 35 -15.41 13.84 5.06
CA ASP E 35 -15.63 14.60 6.28
C ASP E 35 -16.53 13.85 7.26
N SER E 36 -17.42 12.98 6.76
CA SER E 36 -18.44 12.38 7.61
C SER E 36 -18.58 10.87 7.40
N GLY E 37 -17.58 10.22 6.83
CA GLY E 37 -17.67 8.78 6.67
C GLY E 37 -16.43 8.20 6.01
N ALA E 38 -16.45 6.88 5.85
CA ALA E 38 -15.35 6.17 5.21
C ALA E 38 -15.88 4.89 4.58
N TYR E 39 -15.13 4.40 3.59
CA TYR E 39 -15.44 3.14 2.92
C TYR E 39 -14.28 2.18 3.15
N LEU E 40 -14.58 1.00 3.69
CA LEU E 40 -13.60 -0.04 3.93
C LEU E 40 -14.10 -1.35 3.34
N SER E 41 -13.16 -2.26 3.10
CA SER E 41 -13.53 -3.60 2.64
C SER E 41 -12.78 -4.65 3.43
N CYS E 42 -13.39 -5.83 3.48
CA CYS E 42 -12.78 -7.00 4.12
C CYS E 42 -13.27 -8.19 3.30
N GLY E 43 -12.40 -8.68 2.42
CA GLY E 43 -12.85 -9.61 1.41
C GLY E 43 -13.94 -8.97 0.58
N ALA E 44 -15.04 -9.70 0.41
CA ALA E 44 -16.19 -9.19 -0.34
C ALA E 44 -17.04 -8.24 0.47
N LEU E 45 -16.79 -8.10 1.77
CA LEU E 45 -17.62 -7.24 2.60
C LEU E 45 -17.30 -5.78 2.33
N TRP E 46 -18.34 -5.00 2.08
CA TRP E 46 -18.22 -3.56 1.94
C TRP E 46 -18.64 -2.96 3.28
N LEU E 47 -17.67 -2.45 4.05
CA LEU E 47 -17.95 -1.88 5.35
C LEU E 47 -17.89 -0.37 5.26
N CYS E 48 -18.95 0.29 5.72
CA CYS E 48 -19.06 1.73 5.68
C CYS E 48 -19.18 2.28 7.09
N LEU E 49 -18.36 3.27 7.42
CA LEU E 49 -18.47 4.01 8.66
C LEU E 49 -19.12 5.35 8.34
N SER E 50 -20.13 5.73 9.11
CA SER E 50 -20.89 6.95 8.86
C SER E 50 -20.87 7.75 10.15
N LEU E 51 -20.38 8.99 10.08
CA LEU E 51 -20.18 9.75 11.30
C LEU E 51 -21.51 10.29 11.82
N ASP E 52 -21.78 10.00 13.08
CA ASP E 52 -23.03 10.31 13.75
C ASP E 52 -22.65 10.69 15.17
N GLU E 53 -22.76 11.97 15.52
CA GLU E 53 -22.32 12.40 16.85
C GLU E 53 -23.40 12.22 17.92
N GLN E 54 -24.64 11.91 17.56
CA GLN E 54 -25.57 11.47 18.58
C GLN E 54 -25.47 9.97 18.83
N ARG E 55 -24.62 9.27 18.08
CA ARG E 55 -24.21 7.93 18.49
C ARG E 55 -23.52 7.99 19.84
N ARG E 56 -23.92 7.10 20.75
CA ARG E 56 -23.39 7.06 22.10
C ARG E 56 -22.62 5.75 22.29
N LYS E 57 -21.41 5.87 22.85
CA LYS E 57 -20.63 4.69 23.23
C LYS E 57 -21.46 3.85 24.18
N THR E 58 -22.12 2.85 23.66
CA THR E 58 -23.06 2.06 24.45
C THR E 58 -22.33 0.93 25.17
N PRO E 59 -22.54 0.78 26.48
CA PRO E 59 -21.94 -0.36 27.18
C PRO E 59 -22.54 -1.66 26.67
N PRO E 60 -21.77 -2.75 26.67
CA PRO E 60 -22.31 -4.01 26.10
C PRO E 60 -23.54 -4.52 26.83
N GLN E 61 -23.64 -4.28 28.14
CA GLN E 61 -24.81 -4.70 28.91
C GLN E 61 -26.06 -3.88 28.57
N GLU E 62 -25.91 -2.74 27.91
CA GLU E 62 -27.04 -1.87 27.61
C GLU E 62 -27.48 -1.95 26.16
N SER E 63 -26.93 -2.90 25.41
CA SER E 63 -27.34 -3.17 24.04
C SER E 63 -27.73 -4.63 23.92
N ASP E 64 -28.47 -4.95 22.86
CA ASP E 64 -28.96 -6.31 22.66
C ASP E 64 -27.88 -7.17 22.00
N TYR E 65 -28.27 -8.35 21.54
CA TYR E 65 -27.36 -9.37 21.05
C TYR E 65 -26.97 -9.18 19.59
N THR E 66 -27.51 -8.17 18.91
CA THR E 66 -27.12 -7.91 17.53
C THR E 66 -25.61 -7.76 17.42
N HIS E 67 -24.98 -8.60 16.60
CA HIS E 67 -23.53 -8.53 16.46
C HIS E 67 -23.12 -8.90 15.03
N TYR E 68 -21.87 -8.62 14.72
CA TYR E 68 -21.32 -8.79 13.37
C TYR E 68 -20.06 -9.64 13.49
N ALA E 69 -20.03 -10.78 12.83
CA ALA E 69 -18.92 -11.71 12.93
C ALA E 69 -18.13 -11.75 11.64
N PHE E 70 -16.82 -11.92 11.77
CA PHE E 70 -15.90 -11.96 10.63
C PHE E 70 -15.22 -13.32 10.56
N SER E 71 -14.99 -13.79 9.34
CA SER E 71 -14.39 -15.10 9.12
C SER E 71 -12.89 -15.04 9.34
N VAL E 72 -12.37 -15.98 10.14
CA VAL E 72 -10.95 -16.17 10.32
C VAL E 72 -10.65 -17.65 10.18
N ALA E 73 -9.58 -17.98 9.47
CA ALA E 73 -9.16 -19.37 9.39
C ALA E 73 -8.75 -19.87 10.78
N GLU E 74 -8.92 -21.17 11.01
CA GLU E 74 -8.62 -21.69 12.34
C GLU E 74 -7.13 -21.60 12.64
N GLU E 75 -6.29 -21.78 11.63
CA GLU E 75 -4.85 -21.68 11.84
C GLU E 75 -4.41 -20.25 12.15
N GLU E 76 -5.26 -19.25 11.94
CA GLU E 76 -4.92 -17.88 12.24
C GLU E 76 -5.81 -17.26 13.30
N PHE E 77 -6.74 -18.04 13.88
CA PHE E 77 -7.63 -17.50 14.90
C PHE E 77 -6.85 -17.00 16.10
N ALA E 78 -5.93 -17.82 16.61
CA ALA E 78 -5.17 -17.46 17.80
C ALA E 78 -4.38 -16.17 17.59
N GLY E 79 -3.75 -16.03 16.43
CA GLY E 79 -2.95 -14.83 16.17
C GLY E 79 -3.76 -13.54 16.26
N VAL E 80 -4.90 -13.49 15.57
CA VAL E 80 -5.70 -12.26 15.57
C VAL E 80 -6.22 -11.96 16.97
N VAL E 81 -6.58 -13.00 17.74
CA VAL E 81 -7.07 -12.79 19.09
C VAL E 81 -5.96 -12.21 19.96
N ALA E 82 -4.76 -12.80 19.88
CA ALA E 82 -3.61 -12.27 20.62
C ALA E 82 -3.34 -10.82 20.25
N LEU E 83 -3.49 -10.48 18.97
CA LEU E 83 -3.31 -9.10 18.52
C LEU E 83 -4.37 -8.18 19.13
N LEU E 84 -5.62 -8.63 19.21
CA LEU E 84 -6.65 -7.78 19.81
C LEU E 84 -6.53 -7.72 21.32
N ALA E 85 -6.00 -8.79 21.93
CA ALA E 85 -5.73 -8.75 23.35
C ALA E 85 -4.65 -7.70 23.66
N GLN E 86 -3.55 -7.71 22.88
CA GLN E 86 -2.50 -6.72 23.03
C GLN E 86 -3.00 -5.31 22.76
N ALA E 87 -3.93 -5.16 21.81
CA ALA E 87 -4.50 -3.85 21.54
C ALA E 87 -5.43 -3.37 22.64
N GLY E 88 -5.86 -4.27 23.53
CA GLY E 88 -6.73 -3.87 24.62
C GLY E 88 -8.18 -3.82 24.27
N ALA E 89 -8.60 -4.59 23.27
CA ALA E 89 -9.99 -4.62 22.87
C ALA E 89 -10.84 -5.22 23.98
N GLU E 90 -11.94 -4.52 24.33
CA GLU E 90 -12.82 -5.00 25.38
C GLU E 90 -13.70 -6.12 24.84
N VAL E 91 -13.73 -7.24 25.54
CA VAL E 91 -14.55 -8.37 25.15
C VAL E 91 -15.89 -8.29 25.87
N TRP E 92 -16.95 -8.67 25.16
CA TRP E 92 -18.31 -8.56 25.68
C TRP E 92 -18.99 -9.90 25.92
N LYS E 93 -18.37 -11.02 25.56
CA LYS E 93 -18.97 -12.31 25.86
C LYS E 93 -17.94 -13.42 25.65
N ASP E 94 -18.04 -14.46 26.48
CA ASP E 94 -17.14 -15.62 26.43
C ASP E 94 -17.36 -16.40 25.14
N ALA E 100 -15.64 -21.75 18.52
CA ALA E 100 -14.53 -21.05 17.88
C ALA E 100 -14.87 -19.58 17.65
N SER E 101 -15.08 -18.84 18.74
CA SER E 101 -15.51 -17.45 18.63
C SER E 101 -14.79 -16.58 19.65
N TYR E 102 -14.60 -15.31 19.26
CA TYR E 102 -14.03 -14.28 20.11
C TYR E 102 -14.90 -13.04 19.94
N TYR E 103 -15.43 -12.53 21.05
CA TYR E 103 -16.41 -11.44 21.03
C TYR E 103 -15.75 -10.19 21.56
N PHE E 104 -15.64 -9.17 20.71
CA PHE E 104 -14.96 -7.93 21.08
C PHE E 104 -15.76 -6.75 20.55
N LEU E 105 -15.55 -5.59 21.18
CA LEU E 105 -16.24 -4.36 20.83
C LEU E 105 -15.35 -3.42 20.04
N ASP E 106 -16.00 -2.53 19.29
CA ASP E 106 -15.34 -1.46 18.58
C ASP E 106 -15.50 -0.18 19.39
N PRO E 107 -14.77 0.91 19.07
CA PRO E 107 -14.75 2.08 19.98
C PRO E 107 -16.10 2.64 20.36
N ASP E 108 -17.12 2.39 19.53
CA ASP E 108 -18.47 2.87 19.81
C ASP E 108 -19.36 1.84 20.49
N GLY E 109 -18.87 0.62 20.70
CA GLY E 109 -19.62 -0.40 21.37
C GLY E 109 -20.32 -1.39 20.45
N HIS E 110 -20.20 -1.22 19.13
CA HIS E 110 -20.71 -2.24 18.22
C HIS E 110 -20.11 -3.59 18.57
N LYS E 111 -20.98 -4.60 18.70
CA LYS E 111 -20.52 -5.91 19.10
C LYS E 111 -20.01 -6.66 17.86
N LEU E 112 -18.74 -7.04 17.91
CA LEU E 112 -18.10 -7.74 16.80
C LEU E 112 -17.61 -9.09 17.28
N GLU E 113 -17.24 -9.94 16.31
CA GLU E 113 -16.87 -11.30 16.65
C GLU E 113 -15.94 -11.88 15.59
N LEU E 114 -14.97 -12.67 16.03
CA LEU E 114 -14.17 -13.53 15.15
C LEU E 114 -14.73 -14.94 15.25
N HIS E 115 -14.89 -15.60 14.10
CA HIS E 115 -15.49 -16.92 14.10
C HIS E 115 -14.84 -17.80 13.05
N VAL E 116 -14.59 -19.05 13.42
CA VAL E 116 -14.14 -20.10 12.51
C VAL E 116 -15.33 -20.97 12.14
N GLY E 117 -15.53 -21.19 10.85
CA GLY E 117 -16.61 -22.04 10.42
C GLY E 117 -17.71 -21.28 9.70
N ASN E 118 -18.42 -21.98 8.82
CA ASN E 118 -19.48 -21.42 8.00
C ASN E 118 -20.83 -21.98 8.45
N LEU E 119 -21.88 -21.65 7.69
CA LEU E 119 -23.22 -22.10 8.06
C LEU E 119 -23.39 -23.60 7.88
N ALA E 120 -22.71 -24.19 6.89
CA ALA E 120 -22.84 -25.64 6.69
C ALA E 120 -22.28 -26.42 7.89
N GLN E 121 -21.13 -26.01 8.40
CA GLN E 121 -20.53 -26.74 9.52
C GLN E 121 -21.31 -26.52 10.80
N ARG E 122 -21.98 -25.36 10.92
CA ARG E 122 -22.82 -25.12 12.09
C ARG E 122 -24.07 -26.00 12.04
N LEU E 123 -24.66 -26.19 10.86
CA LEU E 123 -25.82 -27.08 10.75
C LEU E 123 -25.40 -28.53 11.01
N ALA E 124 -24.23 -28.93 10.50
CA ALA E 124 -23.74 -30.28 10.75
C ALA E 124 -23.53 -30.52 12.23
N ALA E 125 -22.92 -29.55 12.93
CA ALA E 125 -22.74 -29.69 14.37
C ALA E 125 -24.08 -29.74 15.08
N CYS E 126 -25.05 -28.95 14.61
CA CYS E 126 -26.36 -28.96 15.25
C CYS E 126 -27.10 -30.26 15.01
N ARG E 127 -26.89 -30.92 13.87
CA ARG E 127 -27.60 -32.18 13.64
C ARG E 127 -27.16 -33.26 14.61
N GLU E 128 -25.93 -33.20 15.10
CA GLU E 128 -25.44 -34.18 16.07
C GLU E 128 -25.74 -33.77 17.51
N ARG E 129 -25.97 -32.49 17.77
CA ARG E 129 -26.53 -32.05 19.06
C ARG E 129 -27.41 -30.85 18.80
N PRO E 130 -28.70 -31.08 18.54
CA PRO E 130 -29.59 -29.99 18.15
C PRO E 130 -29.93 -29.10 19.32
N TYR E 131 -30.24 -27.87 19.00
CA TYR E 131 -30.84 -27.06 20.03
C TYR E 131 -32.24 -27.59 20.34
N LYS E 132 -32.77 -27.02 21.40
CA LYS E 132 -34.03 -27.38 22.02
C LYS E 132 -35.16 -27.10 21.01
N GLY E 133 -35.89 -28.14 20.59
CA GLY E 133 -36.97 -27.91 19.64
C GLY E 133 -36.56 -27.54 18.23
N MET E 134 -35.39 -27.97 17.77
CA MET E 134 -34.85 -27.56 16.48
C MET E 134 -35.50 -28.32 15.32
N VAL E 135 -35.78 -27.60 14.22
CA VAL E 135 -36.30 -28.19 12.99
C VAL E 135 -35.39 -27.77 11.84
N PHE E 136 -34.94 -28.74 11.05
CA PHE E 136 -34.07 -28.52 9.90
C PHE E 136 -34.87 -28.62 8.61
N PHE E 137 -34.49 -27.83 7.62
CA PHE E 137 -35.19 -27.78 6.34
C PHE E 137 -34.26 -28.12 5.19
N ASP E 138 -34.77 -28.90 4.23
CA ASP E 138 -34.06 -29.28 3.02
C ASP E 138 -32.77 -30.03 3.33
N MET F 1 -6.11 -13.72 9.69
CA MET F 1 -6.66 -12.64 8.90
C MET F 1 -8.18 -12.70 8.74
N LEU F 2 -8.85 -11.55 8.87
CA LEU F 2 -10.28 -11.48 8.59
C LEU F 2 -10.50 -11.55 7.09
N GLN F 3 -11.35 -12.49 6.67
CA GLN F 3 -11.56 -12.78 5.26
C GLN F 3 -12.86 -12.18 4.73
N GLY F 4 -13.74 -11.72 5.60
CA GLY F 4 -15.02 -11.20 5.20
C GLY F 4 -16.03 -11.37 6.32
N LEU F 5 -17.28 -11.06 6.01
CA LEU F 5 -18.36 -11.24 6.97
C LEU F 5 -18.68 -12.73 7.11
N ASN F 6 -18.64 -13.23 8.35
CA ASN F 6 -18.99 -14.62 8.60
C ASN F 6 -20.49 -14.81 8.77
N HIS F 7 -21.10 -14.02 9.65
CA HIS F 7 -22.55 -14.03 9.79
C HIS F 7 -23.03 -12.72 10.39
N LEU F 8 -24.30 -12.41 10.14
CA LEU F 8 -24.97 -11.25 10.71
C LEU F 8 -26.06 -11.77 11.65
N THR F 9 -26.01 -11.35 12.92
CA THR F 9 -26.96 -11.79 13.92
C THR F 9 -27.82 -10.62 14.37
N LEU F 10 -29.13 -10.75 14.24
CA LEU F 10 -30.08 -9.72 14.65
C LEU F 10 -30.88 -10.20 15.86
N ALA F 11 -30.96 -9.38 16.89
CA ALA F 11 -31.81 -9.68 18.04
C ALA F 11 -33.26 -9.33 17.73
N VAL F 12 -34.17 -10.26 17.99
CA VAL F 12 -35.58 -10.08 17.68
C VAL F 12 -36.41 -10.38 18.91
N SER F 13 -37.58 -9.74 18.99
CA SER F 13 -38.49 -9.93 20.11
C SER F 13 -39.53 -11.01 19.87
N ASP F 14 -39.95 -11.22 18.63
CA ASP F 14 -40.91 -12.26 18.32
C ASP F 14 -40.35 -13.05 17.14
N LEU F 15 -39.89 -14.28 17.41
CA LEU F 15 -39.22 -15.06 16.38
C LEU F 15 -40.15 -15.39 15.21
N ALA F 16 -41.40 -15.74 15.50
CA ALA F 16 -42.32 -16.07 14.42
C ALA F 16 -42.62 -14.86 13.54
N SER F 17 -42.75 -13.68 14.14
CA SER F 17 -42.99 -12.50 13.35
C SER F 17 -41.80 -12.20 12.44
N SER F 18 -40.59 -12.32 13.00
CA SER F 18 -39.39 -12.06 12.21
C SER F 18 -39.21 -13.09 11.10
N LEU F 19 -39.55 -14.36 11.36
CA LEU F 19 -39.38 -15.39 10.34
C LEU F 19 -40.36 -15.18 9.19
N ALA F 20 -41.58 -14.74 9.49
CA ALA F 20 -42.51 -14.41 8.42
C ALA F 20 -41.97 -13.26 7.59
N PHE F 21 -41.41 -12.24 8.25
CA PHE F 21 -40.93 -11.07 7.52
C PHE F 21 -39.79 -11.43 6.58
N TYR F 22 -38.79 -12.15 7.08
CA TYR F 22 -37.61 -12.44 6.26
C TYR F 22 -37.88 -13.53 5.22
N GLN F 23 -38.80 -14.46 5.49
CA GLN F 23 -39.11 -15.47 4.47
C GLN F 23 -39.85 -14.90 3.27
N GLN F 24 -40.56 -13.78 3.43
CA GLN F 24 -41.21 -13.15 2.29
C GLN F 24 -40.22 -12.48 1.34
N LEU F 25 -38.98 -12.26 1.77
CA LEU F 25 -37.98 -11.62 0.91
C LEU F 25 -37.44 -12.61 -0.11
N PRO F 26 -37.55 -12.32 -1.41
CA PRO F 26 -37.00 -13.25 -2.41
C PRO F 26 -35.49 -13.34 -2.29
N GLY F 27 -34.98 -14.57 -2.34
CA GLY F 27 -33.59 -14.85 -2.12
C GLY F 27 -33.27 -15.27 -0.70
N MET F 28 -34.10 -14.89 0.25
CA MET F 28 -33.91 -15.30 1.63
C MET F 28 -34.42 -16.72 1.81
N ARG F 29 -33.66 -17.52 2.56
CA ARG F 29 -33.90 -18.96 2.62
C ARG F 29 -33.66 -19.45 4.04
N LEU F 30 -34.61 -20.22 4.56
CA LEU F 30 -34.57 -20.65 5.96
C LEU F 30 -34.00 -22.06 6.02
N HIS F 31 -32.94 -22.24 6.81
CA HIS F 31 -32.25 -23.52 6.94
C HIS F 31 -32.64 -24.28 8.19
N ALA F 32 -32.89 -23.59 9.29
CA ALA F 32 -33.24 -24.25 10.53
C ALA F 32 -33.85 -23.23 11.48
N SER F 33 -34.67 -23.73 12.40
CA SER F 33 -35.31 -22.90 13.39
C SER F 33 -35.42 -23.68 14.69
N TRP F 34 -35.39 -22.97 15.81
CA TRP F 34 -35.58 -23.58 17.12
C TRP F 34 -36.32 -22.59 17.99
N ASP F 35 -36.33 -22.85 19.29
CA ASP F 35 -37.21 -22.11 20.19
C ASP F 35 -36.73 -20.69 20.46
N SER F 36 -35.45 -20.39 20.20
CA SER F 36 -34.93 -19.06 20.48
C SER F 36 -34.07 -18.50 19.35
N GLY F 37 -34.21 -19.02 18.14
CA GLY F 37 -33.46 -18.47 17.03
C GLY F 37 -33.75 -19.20 15.74
N ALA F 38 -33.10 -18.72 14.68
CA ALA F 38 -33.23 -19.30 13.35
C ALA F 38 -31.95 -19.00 12.55
N TYR F 39 -31.70 -19.83 11.54
CA TYR F 39 -30.57 -19.66 10.64
C TYR F 39 -31.09 -19.48 9.22
N LEU F 40 -30.68 -18.39 8.58
CA LEU F 40 -31.06 -18.10 7.22
C LEU F 40 -29.82 -17.81 6.38
N SER F 41 -29.97 -17.93 5.07
CA SER F 41 -28.93 -17.55 4.14
C SER F 41 -29.54 -16.72 3.02
N CYS F 42 -28.71 -15.87 2.42
CA CYS F 42 -29.10 -15.07 1.28
C CYS F 42 -27.84 -14.89 0.44
N GLY F 43 -27.73 -15.70 -0.61
CA GLY F 43 -26.45 -15.79 -1.29
C GLY F 43 -25.41 -16.27 -0.31
N ALA F 44 -24.28 -15.56 -0.26
CA ALA F 44 -23.22 -15.91 0.67
C ALA F 44 -23.49 -15.45 2.10
N LEU F 45 -24.51 -14.62 2.33
CA LEU F 45 -24.74 -14.09 3.67
C LEU F 45 -25.38 -15.13 4.57
N TRP F 46 -24.80 -15.32 5.75
CA TRP F 46 -25.37 -16.16 6.80
C TRP F 46 -26.08 -15.23 7.78
N LEU F 47 -27.42 -15.25 7.77
CA LEU F 47 -28.21 -14.40 8.65
C LEU F 47 -28.77 -15.22 9.80
N CYS F 48 -28.55 -14.74 11.02
CA CYS F 48 -29.00 -15.40 12.22
C CYS F 48 -29.96 -14.50 12.98
N LEU F 49 -31.11 -15.06 13.35
CA LEU F 49 -32.07 -14.37 14.20
C LEU F 49 -31.95 -14.96 15.60
N SER F 50 -31.89 -14.10 16.61
CA SER F 50 -31.71 -14.53 17.99
C SER F 50 -32.79 -13.89 18.84
N LEU F 51 -33.57 -14.73 19.54
CA LEU F 51 -34.67 -14.23 20.35
C LEU F 51 -34.14 -13.61 21.63
N ASP F 52 -34.58 -12.38 21.91
CA ASP F 52 -34.04 -11.59 23.01
C ASP F 52 -35.18 -10.85 23.69
N GLU F 53 -35.22 -10.93 25.02
CA GLU F 53 -36.29 -10.27 25.77
C GLU F 53 -36.04 -8.78 25.91
N GLN F 54 -34.77 -8.37 26.04
CA GLN F 54 -34.41 -6.97 26.23
C GLN F 54 -34.31 -6.21 24.91
N ARG F 55 -34.95 -6.70 23.85
CA ARG F 55 -34.98 -6.01 22.56
C ARG F 55 -36.32 -5.30 22.41
N ARG F 56 -36.28 -3.99 22.26
CA ARG F 56 -37.45 -3.15 22.02
C ARG F 56 -37.65 -2.91 20.54
N LYS F 57 -38.92 -2.73 20.16
CA LYS F 57 -39.24 -2.24 18.83
C LYS F 57 -38.88 -0.76 18.79
N THR F 58 -37.73 -0.45 18.21
CA THR F 58 -37.22 0.92 18.20
C THR F 58 -37.81 1.68 17.03
N PRO F 59 -38.37 2.88 17.26
CA PRO F 59 -38.76 3.73 16.14
C PRO F 59 -37.52 4.19 15.39
N PRO F 60 -37.61 4.42 14.08
CA PRO F 60 -36.40 4.79 13.33
C PRO F 60 -35.74 6.08 13.79
N GLN F 61 -36.50 7.02 14.35
CA GLN F 61 -35.93 8.29 14.82
C GLN F 61 -35.10 8.11 16.08
N GLU F 62 -35.22 6.98 16.78
CA GLU F 62 -34.56 6.79 18.06
C GLU F 62 -33.36 5.85 17.97
N SER F 63 -32.95 5.49 16.75
CA SER F 63 -31.78 4.66 16.52
C SER F 63 -30.84 5.40 15.57
N ASP F 64 -29.58 5.00 15.56
CA ASP F 64 -28.59 5.68 14.74
C ASP F 64 -28.65 5.17 13.30
N TYR F 65 -27.65 5.53 12.50
CA TYR F 65 -27.69 5.27 11.06
C TYR F 65 -27.22 3.87 10.70
N THR F 66 -26.82 3.05 11.68
CA THR F 66 -26.41 1.68 11.43
C THR F 66 -27.52 0.93 10.69
N HIS F 67 -27.19 0.41 9.50
CA HIS F 67 -28.18 -0.28 8.69
C HIS F 67 -27.50 -1.39 7.89
N TYR F 68 -28.32 -2.28 7.33
CA TYR F 68 -27.86 -3.46 6.62
C TYR F 68 -28.51 -3.48 5.25
N ALA F 69 -27.71 -3.50 4.19
CA ALA F 69 -28.20 -3.38 2.84
C ALA F 69 -28.05 -4.70 2.08
N PHE F 70 -28.98 -4.95 1.16
CA PHE F 70 -29.00 -6.17 0.35
C PHE F 70 -28.87 -5.83 -1.13
N SER F 71 -28.17 -6.68 -1.87
CA SER F 71 -27.94 -6.46 -3.29
C SER F 71 -29.16 -6.90 -4.10
N VAL F 72 -29.61 -6.04 -5.02
CA VAL F 72 -30.65 -6.35 -5.99
C VAL F 72 -30.18 -5.93 -7.39
N ALA F 73 -30.44 -6.76 -8.41
CA ALA F 73 -30.19 -6.36 -9.79
C ALA F 73 -31.12 -5.19 -10.08
N GLU F 74 -30.76 -4.21 -10.92
CA GLU F 74 -31.75 -3.12 -10.94
C GLU F 74 -32.98 -3.49 -11.77
N GLU F 75 -32.86 -4.45 -12.69
CA GLU F 75 -34.06 -4.84 -13.43
C GLU F 75 -35.11 -5.45 -12.52
N GLU F 76 -34.74 -5.87 -11.30
CA GLU F 76 -35.68 -6.46 -10.37
C GLU F 76 -35.84 -5.62 -9.11
N PHE F 77 -35.19 -4.45 -9.06
CA PHE F 77 -35.32 -3.56 -7.91
C PHE F 77 -36.77 -3.13 -7.70
N ALA F 78 -37.42 -2.67 -8.78
CA ALA F 78 -38.79 -2.18 -8.66
C ALA F 78 -39.72 -3.28 -8.17
N GLY F 79 -39.54 -4.50 -8.70
CA GLY F 79 -40.40 -5.60 -8.29
C GLY F 79 -40.35 -5.84 -6.79
N VAL F 80 -39.14 -5.92 -6.23
CA VAL F 80 -39.03 -6.22 -4.80
C VAL F 80 -39.63 -5.09 -3.98
N VAL F 81 -39.41 -3.85 -4.39
CA VAL F 81 -39.89 -2.71 -3.60
C VAL F 81 -41.42 -2.71 -3.56
N ALA F 82 -42.06 -2.93 -4.72
CA ALA F 82 -43.51 -3.03 -4.75
C ALA F 82 -44.00 -4.14 -3.84
N LEU F 83 -43.27 -5.27 -3.81
CA LEU F 83 -43.64 -6.37 -2.93
C LEU F 83 -43.60 -5.96 -1.46
N LEU F 84 -42.56 -5.22 -1.06
CA LEU F 84 -42.50 -4.81 0.34
C LEU F 84 -43.42 -3.64 0.62
N ALA F 85 -43.68 -2.81 -0.38
CA ALA F 85 -44.64 -1.73 -0.21
C ALA F 85 -46.03 -2.30 0.06
N GLN F 86 -46.47 -3.25 -0.77
CA GLN F 86 -47.77 -3.88 -0.55
C GLN F 86 -47.81 -4.66 0.77
N ALA F 87 -46.68 -5.22 1.20
CA ALA F 87 -46.65 -5.92 2.48
C ALA F 87 -46.75 -4.98 3.67
N GLY F 88 -46.59 -3.68 3.47
CA GLY F 88 -46.70 -2.73 4.54
C GLY F 88 -45.44 -2.49 5.34
N ALA F 89 -44.27 -2.74 4.75
CA ALA F 89 -43.01 -2.48 5.43
C ALA F 89 -42.83 -0.97 5.60
N GLU F 90 -42.46 -0.55 6.81
CA GLU F 90 -42.32 0.87 7.08
C GLU F 90 -41.04 1.42 6.48
N VAL F 91 -41.15 2.60 5.86
CA VAL F 91 -40.01 3.31 5.30
C VAL F 91 -39.41 4.20 6.38
N TRP F 92 -38.08 4.25 6.42
CA TRP F 92 -37.38 5.02 7.43
C TRP F 92 -36.53 6.14 6.85
N LYS F 93 -36.39 6.22 5.53
CA LYS F 93 -35.72 7.32 4.87
C LYS F 93 -35.98 7.24 3.37
N ASP F 94 -36.09 8.41 2.75
CA ASP F 94 -36.36 8.52 1.32
C ASP F 94 -35.03 8.63 0.57
N ASN F 95 -35.02 8.18 -0.68
CA ASN F 95 -33.78 8.23 -1.46
C ASN F 95 -33.46 9.66 -1.88
N ALA F 100 -30.30 4.49 -6.30
CA ALA F 100 -30.98 3.21 -6.47
C ALA F 100 -31.09 2.48 -5.13
N SER F 101 -31.84 3.07 -4.20
CA SER F 101 -31.95 2.52 -2.86
C SER F 101 -33.40 2.57 -2.36
N TYR F 102 -33.73 1.61 -1.52
CA TYR F 102 -35.03 1.53 -0.84
C TYR F 102 -34.77 1.21 0.62
N TYR F 103 -35.26 2.06 1.52
CA TYR F 103 -34.97 1.94 2.94
C TYR F 103 -36.23 1.49 3.67
N PHE F 104 -36.20 0.31 4.27
CA PHE F 104 -37.35 -0.25 4.96
C PHE F 104 -36.91 -0.89 6.26
N LEU F 105 -37.85 -1.00 7.20
CA LEU F 105 -37.60 -1.57 8.51
C LEU F 105 -38.17 -2.97 8.62
N ASP F 106 -37.62 -3.73 9.56
CA ASP F 106 -38.12 -5.04 9.94
C ASP F 106 -38.93 -4.91 11.23
N PRO F 107 -39.70 -5.94 11.62
CA PRO F 107 -40.65 -5.77 12.74
C PRO F 107 -40.09 -5.22 14.04
N ASP F 108 -38.79 -5.34 14.27
CA ASP F 108 -38.13 -4.82 15.47
C ASP F 108 -37.48 -3.46 15.27
N GLY F 109 -37.48 -2.92 14.06
CA GLY F 109 -36.89 -1.62 13.81
C GLY F 109 -35.49 -1.65 13.26
N HIS F 110 -34.90 -2.84 13.03
CA HIS F 110 -33.63 -2.92 12.32
C HIS F 110 -33.75 -2.24 10.97
N LYS F 111 -32.82 -1.34 10.68
CA LYS F 111 -32.86 -0.58 9.44
C LYS F 111 -32.21 -1.39 8.33
N LEU F 112 -32.96 -1.64 7.26
CA LEU F 112 -32.48 -2.41 6.14
C LEU F 112 -32.54 -1.55 4.88
N GLU F 113 -31.94 -2.04 3.80
CA GLU F 113 -31.89 -1.27 2.57
C GLU F 113 -31.74 -2.23 1.40
N LEU F 114 -32.39 -1.91 0.30
CA LEU F 114 -32.14 -2.55 -0.98
C LEU F 114 -31.28 -1.59 -1.80
N HIS F 115 -30.25 -2.10 -2.45
CA HIS F 115 -29.36 -1.22 -3.17
C HIS F 115 -28.84 -1.86 -4.45
N VAL F 116 -28.81 -1.07 -5.51
CA VAL F 116 -28.21 -1.46 -6.77
C VAL F 116 -26.81 -0.88 -6.84
N GLY F 117 -25.83 -1.71 -7.15
CA GLY F 117 -24.48 -1.24 -7.29
C GLY F 117 -23.60 -1.73 -6.14
N ASN F 118 -22.30 -1.86 -6.43
CA ASN F 118 -21.31 -2.32 -5.47
C ASN F 118 -20.32 -1.20 -5.13
N LEU F 119 -19.29 -1.54 -4.34
CA LEU F 119 -18.34 -0.55 -3.86
C LEU F 119 -17.46 0.01 -4.98
N ALA F 120 -17.16 -0.80 -6.00
CA ALA F 120 -16.36 -0.30 -7.11
C ALA F 120 -17.07 0.83 -7.84
N GLN F 121 -18.38 0.70 -8.07
CA GLN F 121 -19.13 1.74 -8.77
C GLN F 121 -19.30 2.98 -7.89
N ARG F 122 -19.51 2.79 -6.59
CA ARG F 122 -19.66 3.92 -5.69
C ARG F 122 -18.38 4.74 -5.62
N LEU F 123 -17.22 4.07 -5.63
CA LEU F 123 -15.97 4.82 -5.67
C LEU F 123 -15.81 5.56 -7.00
N ALA F 124 -16.19 4.91 -8.11
CA ALA F 124 -16.13 5.58 -9.40
C ALA F 124 -17.03 6.81 -9.43
N ALA F 125 -18.24 6.68 -8.89
CA ALA F 125 -19.13 7.83 -8.81
C ALA F 125 -18.53 8.90 -7.92
N CYS F 126 -17.90 8.50 -6.82
CA CYS F 126 -17.30 9.46 -5.90
C CYS F 126 -16.08 10.14 -6.51
N ARG F 127 -15.33 9.45 -7.36
CA ARG F 127 -14.24 10.12 -8.04
C ARG F 127 -14.76 11.15 -9.05
N GLU F 128 -15.95 10.93 -9.59
CA GLU F 128 -16.58 11.91 -10.47
C GLU F 128 -17.12 13.10 -9.70
N ARG F 129 -17.70 12.88 -8.53
CA ARG F 129 -18.16 13.98 -7.69
C ARG F 129 -17.83 13.61 -6.26
N PRO F 130 -16.71 14.11 -5.73
CA PRO F 130 -16.33 13.69 -4.37
C PRO F 130 -17.23 14.30 -3.32
N TYR F 131 -17.39 13.57 -2.22
CA TYR F 131 -18.02 14.16 -1.07
C TYR F 131 -17.08 15.21 -0.50
N LYS F 132 -17.56 15.96 0.48
CA LYS F 132 -16.77 17.05 1.02
C LYS F 132 -15.55 16.50 1.75
N GLY F 133 -14.37 17.01 1.37
CA GLY F 133 -13.13 16.59 2.01
C GLY F 133 -12.74 15.16 1.73
N MET F 134 -13.18 14.61 0.61
CA MET F 134 -12.96 13.20 0.31
C MET F 134 -11.53 12.96 -0.16
N VAL F 135 -10.93 11.89 0.35
CA VAL F 135 -9.59 11.47 -0.06
C VAL F 135 -9.67 10.00 -0.44
N PHE F 136 -9.13 9.65 -1.59
CA PHE F 136 -9.12 8.28 -2.08
C PHE F 136 -7.75 7.66 -1.86
N PHE F 137 -7.75 6.35 -1.60
CA PHE F 137 -6.50 5.65 -1.31
C PHE F 137 -6.19 4.53 -2.28
N ASP F 138 -7.02 4.34 -3.31
CA ASP F 138 -6.71 3.45 -4.43
C ASP F 138 -6.28 4.30 -5.61
N HIS F 139 -5.07 4.05 -6.10
CA HIS F 139 -4.48 4.91 -7.14
C HIS F 139 -5.30 4.87 -8.41
N HIS F 140 -5.59 6.06 -8.94
CA HIS F 140 -6.36 6.24 -10.16
C HIS F 140 -5.77 7.41 -10.93
N HIS F 141 -6.17 7.54 -12.19
CA HIS F 141 -5.72 8.67 -12.99
C HIS F 141 -6.90 9.49 -13.50
N HIS F 142 -7.84 9.79 -12.60
CA HIS F 142 -9.01 10.60 -12.91
C HIS F 142 -8.64 12.07 -12.76
N HIS F 143 -8.44 12.76 -13.88
CA HIS F 143 -7.83 14.09 -13.93
C HIS F 143 -6.40 14.03 -13.43
N MET G 1 -25.33 -25.83 -7.89
CA MET G 1 -25.54 -24.76 -8.87
C MET G 1 -24.36 -23.79 -8.94
N LEU G 2 -23.98 -23.42 -10.16
CA LEU G 2 -22.90 -22.47 -10.37
C LEU G 2 -23.34 -21.06 -9.98
N GLN G 3 -22.53 -20.40 -9.14
CA GLN G 3 -22.89 -19.12 -8.54
C GLN G 3 -22.25 -17.93 -9.24
N GLY G 4 -21.29 -18.16 -10.12
CA GLY G 4 -20.64 -17.07 -10.82
C GLY G 4 -19.23 -17.47 -11.20
N LEU G 5 -18.48 -16.50 -11.71
CA LEU G 5 -17.08 -16.73 -12.03
C LEU G 5 -16.28 -16.78 -10.73
N ASN G 6 -15.57 -17.88 -10.51
CA ASN G 6 -14.76 -18.00 -9.30
C ASN G 6 -13.39 -17.37 -9.49
N HIS G 7 -12.68 -17.75 -10.55
CA HIS G 7 -11.43 -17.08 -10.88
C HIS G 7 -11.14 -17.26 -12.36
N LEU G 8 -10.34 -16.34 -12.89
CA LEU G 8 -9.83 -16.38 -14.26
C LEU G 8 -8.33 -16.63 -14.20
N THR G 9 -7.88 -17.69 -14.86
CA THR G 9 -6.45 -18.05 -14.87
C THR G 9 -5.90 -17.89 -16.27
N LEU G 10 -4.84 -17.10 -16.40
CA LEU G 10 -4.16 -16.87 -17.66
C LEU G 10 -2.78 -17.52 -17.61
N ALA G 11 -2.44 -18.28 -18.66
CA ALA G 11 -1.10 -18.84 -18.77
C ALA G 11 -0.15 -17.77 -19.29
N VAL G 12 0.99 -17.61 -18.61
CA VAL G 12 1.96 -16.59 -18.97
C VAL G 12 3.33 -17.22 -19.13
N SER G 13 4.12 -16.64 -20.01
CA SER G 13 5.45 -17.17 -20.31
C SER G 13 6.55 -16.55 -19.46
N ASP G 14 6.38 -15.29 -19.04
CA ASP G 14 7.28 -14.59 -18.12
C ASP G 14 6.47 -13.92 -17.03
N LEU G 15 6.52 -14.50 -15.82
CA LEU G 15 5.72 -13.99 -14.71
C LEU G 15 6.07 -12.53 -14.38
N ALA G 16 7.36 -12.20 -14.39
CA ALA G 16 7.77 -10.83 -14.07
C ALA G 16 7.25 -9.83 -15.10
N SER G 17 7.26 -10.21 -16.38
CA SER G 17 6.74 -9.33 -17.42
C SER G 17 5.23 -9.13 -17.27
N SER G 18 4.50 -10.20 -16.99
CA SER G 18 3.05 -10.08 -16.84
C SER G 18 2.68 -9.25 -15.61
N LEU G 19 3.45 -9.38 -14.53
CA LEU G 19 3.12 -8.62 -13.33
C LEU G 19 3.31 -7.14 -13.55
N ALA G 20 4.33 -6.74 -14.31
CA ALA G 20 4.50 -5.33 -14.63
C ALA G 20 3.32 -4.82 -15.45
N PHE G 21 2.86 -5.60 -16.43
CA PHE G 21 1.78 -5.14 -17.30
C PHE G 21 0.48 -4.95 -16.52
N TYR G 22 0.11 -5.94 -15.70
CA TYR G 22 -1.16 -5.86 -14.98
C TYR G 22 -1.09 -4.86 -13.83
N GLN G 23 0.09 -4.65 -13.25
CA GLN G 23 0.23 -3.65 -12.19
C GLN G 23 0.06 -2.23 -12.70
N GLN G 24 0.28 -1.97 -13.99
CA GLN G 24 -0.01 -0.63 -14.48
C GLN G 24 -1.51 -0.35 -14.64
N LEU G 25 -2.35 -1.37 -14.63
CA LEU G 25 -3.78 -1.14 -14.76
C LEU G 25 -4.32 -0.70 -13.41
N PRO G 26 -4.89 0.50 -13.32
CA PRO G 26 -5.49 0.94 -12.04
C PRO G 26 -6.71 0.10 -11.72
N GLY G 27 -6.82 -0.30 -10.44
CA GLY G 27 -7.84 -1.23 -9.99
C GLY G 27 -7.33 -2.65 -9.85
N MET G 28 -6.25 -2.98 -10.53
CA MET G 28 -5.62 -4.29 -10.39
C MET G 28 -4.78 -4.30 -9.11
N ARG G 29 -4.86 -5.39 -8.36
CA ARG G 29 -4.20 -5.46 -7.07
C ARG G 29 -3.51 -6.82 -6.91
N LEU G 30 -2.23 -6.79 -6.59
CA LEU G 30 -1.42 -8.00 -6.48
C LEU G 30 -1.40 -8.45 -5.02
N HIS G 31 -1.82 -9.68 -4.78
CA HIS G 31 -1.93 -10.20 -3.42
C HIS G 31 -0.79 -11.11 -3.02
N ALA G 32 -0.27 -11.90 -3.96
CA ALA G 32 0.78 -12.85 -3.66
C ALA G 32 1.42 -13.30 -4.96
N SER G 33 2.67 -13.72 -4.85
CA SER G 33 3.44 -14.23 -5.98
C SER G 33 4.34 -15.35 -5.49
N TRP G 34 4.64 -16.28 -6.38
CA TRP G 34 5.57 -17.36 -6.07
C TRP G 34 6.37 -17.63 -7.35
N ASP G 35 7.01 -18.80 -7.41
CA ASP G 35 7.95 -19.06 -8.48
C ASP G 35 7.26 -19.40 -9.80
N SER G 36 5.99 -19.83 -9.77
CA SER G 36 5.30 -20.23 -10.99
C SER G 36 3.91 -19.61 -11.11
N GLY G 37 3.62 -18.55 -10.36
CA GLY G 37 2.33 -17.91 -10.50
C GLY G 37 2.19 -16.70 -9.59
N ALA G 38 1.00 -16.09 -9.68
CA ALA G 38 0.65 -14.94 -8.87
C ALA G 38 -0.87 -14.91 -8.71
N TYR G 39 -1.32 -14.25 -7.65
CA TYR G 39 -2.73 -14.04 -7.38
C TYR G 39 -3.01 -12.55 -7.40
N LEU G 40 -3.99 -12.13 -8.20
CA LEU G 40 -4.40 -10.74 -8.30
C LEU G 40 -5.91 -10.66 -8.14
N SER G 41 -6.37 -9.45 -7.81
CA SER G 41 -7.79 -9.18 -7.77
C SER G 41 -8.08 -7.86 -8.47
N CYS G 42 -9.31 -7.73 -8.95
CA CYS G 42 -9.79 -6.50 -9.59
C CYS G 42 -11.26 -6.39 -9.23
N GLY G 43 -11.57 -5.59 -8.22
CA GLY G 43 -12.90 -5.67 -7.64
C GLY G 43 -13.10 -7.08 -7.12
N ALA G 44 -14.23 -7.68 -7.49
CA ALA G 44 -14.55 -9.04 -7.08
C ALA G 44 -13.84 -10.10 -7.91
N LEU G 45 -13.17 -9.72 -9.00
CA LEU G 45 -12.54 -10.71 -9.87
C LEU G 45 -11.26 -11.23 -9.22
N TRP G 46 -11.14 -12.56 -9.16
CA TRP G 46 -9.92 -13.23 -8.72
C TRP G 46 -9.15 -13.64 -9.97
N LEU G 47 -8.06 -12.95 -10.24
CA LEU G 47 -7.24 -13.22 -11.42
C LEU G 47 -5.97 -13.95 -11.00
N CYS G 48 -5.69 -15.08 -11.65
CA CYS G 48 -4.52 -15.89 -11.37
C CYS G 48 -3.65 -15.98 -12.61
N LEU G 49 -2.37 -15.73 -12.44
CA LEU G 49 -1.41 -15.92 -13.52
C LEU G 49 -0.63 -17.20 -13.24
N SER G 50 -0.45 -18.03 -14.28
CA SER G 50 0.20 -19.32 -14.13
C SER G 50 1.33 -19.40 -15.14
N LEU G 51 2.56 -19.61 -14.66
CA LEU G 51 3.69 -19.68 -15.57
C LEU G 51 3.71 -21.02 -16.28
N ASP G 52 3.77 -20.95 -17.62
CA ASP G 52 3.63 -22.12 -18.47
C ASP G 52 4.61 -21.96 -19.62
N GLU G 53 5.56 -22.91 -19.74
CA GLU G 53 6.63 -22.77 -20.72
C GLU G 53 6.18 -23.08 -22.14
N GLN G 54 5.09 -23.82 -22.32
CA GLN G 54 4.49 -23.99 -23.64
C GLN G 54 3.42 -22.93 -23.93
N ARG G 55 3.50 -21.78 -23.28
CA ARG G 55 2.79 -20.59 -23.72
C ARG G 55 3.74 -19.74 -24.55
N ARG G 56 3.26 -19.26 -25.70
CA ARG G 56 4.04 -18.38 -26.55
C ARG G 56 3.20 -17.17 -26.91
N LYS G 57 3.86 -16.00 -26.99
CA LYS G 57 3.21 -14.77 -27.41
C LYS G 57 2.57 -14.97 -28.77
N THR G 58 1.25 -14.93 -28.81
CA THR G 58 0.55 -15.15 -30.07
C THR G 58 0.10 -13.82 -30.66
N PRO G 59 0.37 -13.59 -31.93
CA PRO G 59 -0.17 -12.39 -32.58
C PRO G 59 -1.68 -12.47 -32.67
N PRO G 60 -2.38 -11.33 -32.66
CA PRO G 60 -3.85 -11.37 -32.67
C PRO G 60 -4.44 -12.06 -33.88
N GLN G 61 -3.74 -12.06 -35.03
CA GLN G 61 -4.23 -12.73 -36.22
C GLN G 61 -4.24 -14.25 -36.09
N GLU G 62 -3.53 -14.82 -35.11
CA GLU G 62 -3.42 -16.27 -34.99
C GLU G 62 -4.23 -16.86 -33.84
N SER G 63 -5.08 -16.06 -33.20
CA SER G 63 -5.98 -16.55 -32.16
C SER G 63 -7.42 -16.19 -32.51
N ASP G 64 -8.36 -16.87 -31.84
CA ASP G 64 -9.77 -16.65 -32.08
C ASP G 64 -10.25 -15.44 -31.27
N TYR G 65 -11.56 -15.24 -31.22
CA TYR G 65 -12.16 -14.04 -30.64
C TYR G 65 -12.29 -14.09 -29.12
N THR G 66 -11.89 -15.18 -28.48
CA THR G 66 -11.96 -15.28 -27.02
C THR G 66 -11.26 -14.10 -26.37
N HIS G 67 -12.00 -13.34 -25.55
CA HIS G 67 -11.43 -12.17 -24.90
C HIS G 67 -12.06 -11.96 -23.53
N TYR G 68 -11.40 -11.12 -22.75
CA TYR G 68 -11.77 -10.84 -21.36
C TYR G 68 -11.90 -9.34 -21.21
N ALA G 69 -13.09 -8.87 -20.82
CA ALA G 69 -13.38 -7.46 -20.72
C ALA G 69 -13.54 -7.03 -19.27
N PHE G 70 -13.12 -5.81 -18.97
CA PHE G 70 -13.16 -5.25 -17.63
C PHE G 70 -14.04 -4.02 -17.60
N SER G 71 -14.72 -3.83 -16.47
CA SER G 71 -15.66 -2.73 -16.32
C SER G 71 -14.91 -1.42 -16.03
N VAL G 72 -15.23 -0.38 -16.78
CA VAL G 72 -14.75 0.97 -16.52
C VAL G 72 -15.93 1.92 -16.58
N ALA G 73 -15.97 2.85 -15.63
CA ALA G 73 -17.01 3.87 -15.63
C ALA G 73 -16.89 4.75 -16.87
N GLU G 74 -18.01 5.33 -17.27
CA GLU G 74 -18.05 6.14 -18.48
C GLU G 74 -17.16 7.37 -18.35
N GLU G 75 -17.13 7.98 -17.16
CA GLU G 75 -16.29 9.14 -16.91
C GLU G 75 -14.80 8.82 -16.83
N GLU G 76 -14.42 7.54 -16.68
CA GLU G 76 -13.01 7.21 -16.56
C GLU G 76 -12.50 6.35 -17.72
N PHE G 77 -13.34 6.09 -18.72
CA PHE G 77 -12.92 5.29 -19.86
C PHE G 77 -11.75 5.93 -20.61
N ALA G 78 -11.87 7.22 -20.93
CA ALA G 78 -10.83 7.90 -21.69
C ALA G 78 -9.49 7.91 -20.97
N GLY G 79 -9.50 8.14 -19.66
CA GLY G 79 -8.26 8.16 -18.89
C GLY G 79 -7.49 6.85 -18.99
N VAL G 80 -8.17 5.72 -18.80
CA VAL G 80 -7.50 4.43 -18.83
C VAL G 80 -6.94 4.14 -20.21
N VAL G 81 -7.67 4.55 -21.26
CA VAL G 81 -7.20 4.29 -22.62
C VAL G 81 -5.94 5.10 -22.91
N ALA G 82 -5.96 6.40 -22.56
CA ALA G 82 -4.77 7.23 -22.70
C ALA G 82 -3.63 6.64 -21.88
N LEU G 83 -3.95 6.09 -20.71
CA LEU G 83 -2.94 5.44 -19.88
C LEU G 83 -2.30 4.26 -20.61
N LEU G 84 -3.12 3.45 -21.29
CA LEU G 84 -2.57 2.32 -22.04
C LEU G 84 -1.95 2.72 -23.37
N ALA G 85 -2.46 3.79 -24.00
CA ALA G 85 -1.85 4.28 -25.23
C ALA G 85 -0.44 4.79 -24.96
N GLN G 86 -0.27 5.61 -23.92
CA GLN G 86 1.06 6.07 -23.53
C GLN G 86 1.97 4.92 -23.15
N ALA G 87 1.41 3.85 -22.57
CA ALA G 87 2.21 2.69 -22.22
C ALA G 87 2.63 1.87 -23.44
N GLY G 88 2.01 2.09 -24.60
CA GLY G 88 2.36 1.35 -25.79
C GLY G 88 1.69 0.01 -25.93
N ALA G 89 0.53 -0.17 -25.29
CA ALA G 89 -0.21 -1.43 -25.40
C ALA G 89 -0.73 -1.62 -26.81
N GLU G 90 -0.54 -2.81 -27.37
CA GLU G 90 -0.96 -3.11 -28.73
C GLU G 90 -2.47 -3.36 -28.81
N VAL G 91 -3.12 -2.72 -29.78
CA VAL G 91 -4.55 -2.91 -30.09
C VAL G 91 -4.72 -4.05 -31.07
N TRP G 92 -5.79 -4.81 -30.85
CA TRP G 92 -6.13 -5.99 -31.64
C TRP G 92 -7.47 -5.83 -32.34
N LYS G 93 -8.20 -4.75 -32.12
CA LYS G 93 -9.41 -4.53 -32.91
C LYS G 93 -9.83 -3.07 -32.75
N ASP G 94 -10.32 -2.49 -33.86
CA ASP G 94 -10.71 -1.08 -33.89
C ASP G 94 -11.97 -0.82 -33.08
N ALA G 100 -18.58 1.58 -26.83
CA ALA G 100 -17.70 2.04 -25.75
C ALA G 100 -16.68 0.97 -25.36
N SER G 101 -15.79 0.62 -26.29
CA SER G 101 -14.83 -0.44 -26.03
C SER G 101 -13.44 -0.07 -26.54
N TYR G 102 -12.44 -0.59 -25.85
CA TYR G 102 -11.03 -0.44 -26.22
C TYR G 102 -10.39 -1.82 -26.12
N TYR G 103 -9.80 -2.29 -27.21
CA TYR G 103 -9.30 -3.66 -27.32
C TYR G 103 -7.79 -3.65 -27.30
N PHE G 104 -7.18 -4.26 -26.28
CA PHE G 104 -5.73 -4.22 -26.13
C PHE G 104 -5.25 -5.60 -25.69
N LEU G 105 -3.98 -5.87 -25.98
CA LEU G 105 -3.35 -7.15 -25.68
C LEU G 105 -2.42 -7.05 -24.48
N ASP G 106 -2.21 -8.19 -23.83
CA ASP G 106 -1.27 -8.36 -22.74
C ASP G 106 0.02 -8.99 -23.27
N PRO G 107 1.10 -9.02 -22.48
CA PRO G 107 2.41 -9.43 -23.05
C PRO G 107 2.43 -10.80 -23.73
N ASP G 108 1.50 -11.69 -23.40
CA ASP G 108 1.45 -13.01 -24.02
C ASP G 108 0.44 -13.10 -25.16
N GLY G 109 -0.30 -12.03 -25.44
CA GLY G 109 -1.26 -12.05 -26.53
C GLY G 109 -2.69 -12.32 -26.12
N HIS G 110 -2.96 -12.51 -24.83
CA HIS G 110 -4.33 -12.59 -24.35
C HIS G 110 -5.07 -11.32 -24.76
N LYS G 111 -6.24 -11.51 -25.37
CA LYS G 111 -7.04 -10.38 -25.86
C LYS G 111 -7.88 -9.85 -24.72
N LEU G 112 -7.72 -8.56 -24.41
CA LEU G 112 -8.46 -7.92 -23.34
C LEU G 112 -9.29 -6.78 -23.92
N GLU G 113 -10.17 -6.24 -23.09
CA GLU G 113 -11.04 -5.18 -23.54
C GLU G 113 -11.45 -4.35 -22.33
N LEU G 114 -11.55 -3.04 -22.52
CA LEU G 114 -12.22 -2.15 -21.58
C LEU G 114 -13.59 -1.85 -22.16
N HIS G 115 -14.63 -1.93 -21.31
CA HIS G 115 -15.99 -1.74 -21.78
C HIS G 115 -16.80 -0.97 -20.74
N VAL G 116 -17.58 -0.01 -21.22
CA VAL G 116 -18.54 0.72 -20.40
C VAL G 116 -19.92 0.13 -20.65
N GLY G 117 -20.62 -0.20 -19.59
CA GLY G 117 -21.94 -0.77 -19.70
C GLY G 117 -21.97 -2.23 -19.29
N ASN G 118 -23.13 -2.67 -18.80
CA ASN G 118 -23.31 -4.03 -18.33
C ASN G 118 -24.25 -4.77 -19.28
N LEU G 119 -24.62 -6.00 -18.91
CA LEU G 119 -25.45 -6.82 -19.80
C LEU G 119 -26.88 -6.29 -19.90
N ALA G 120 -27.41 -5.70 -18.83
CA ALA G 120 -28.77 -5.16 -18.90
C ALA G 120 -28.85 -4.03 -19.92
N GLN G 121 -27.84 -3.15 -19.95
CA GLN G 121 -27.82 -2.04 -20.90
C GLN G 121 -27.57 -2.51 -22.32
N ARG G 122 -26.72 -3.53 -22.50
CA ARG G 122 -26.53 -4.11 -23.82
C ARG G 122 -27.81 -4.76 -24.35
N LEU G 123 -28.60 -5.38 -23.47
CA LEU G 123 -29.87 -5.93 -23.92
C LEU G 123 -30.85 -4.84 -24.32
N ALA G 124 -30.90 -3.74 -23.55
CA ALA G 124 -31.76 -2.63 -23.90
C ALA G 124 -31.39 -2.05 -25.26
N ALA G 125 -30.09 -1.87 -25.51
CA ALA G 125 -29.65 -1.41 -26.83
C ALA G 125 -30.02 -2.41 -27.90
N CYS G 126 -29.93 -3.70 -27.59
CA CYS G 126 -30.28 -4.73 -28.55
C CYS G 126 -31.77 -4.75 -28.83
N ARG G 127 -32.59 -4.43 -27.83
CA ARG G 127 -34.02 -4.40 -28.06
C ARG G 127 -34.42 -3.21 -28.93
N GLU G 128 -33.65 -2.12 -28.89
CA GLU G 128 -33.98 -0.97 -29.71
C GLU G 128 -33.48 -1.10 -31.14
N ARG G 129 -32.53 -2.00 -31.40
CA ARG G 129 -32.29 -2.49 -32.74
C ARG G 129 -31.59 -3.85 -32.60
N PRO G 130 -32.28 -4.93 -32.97
CA PRO G 130 -31.70 -6.26 -32.79
C PRO G 130 -30.80 -6.68 -33.94
N TYR G 131 -29.85 -7.55 -33.60
CA TYR G 131 -29.09 -8.20 -34.64
C TYR G 131 -29.98 -9.20 -35.34
N LYS G 132 -29.46 -9.77 -36.43
CA LYS G 132 -30.22 -10.68 -37.26
C LYS G 132 -30.49 -11.99 -36.53
N GLY G 133 -31.75 -12.38 -36.49
CA GLY G 133 -32.19 -13.60 -35.82
C GLY G 133 -32.15 -13.56 -34.31
N MET G 134 -32.20 -12.38 -33.71
CA MET G 134 -32.12 -12.31 -32.25
C MET G 134 -33.47 -12.61 -31.61
N VAL G 135 -33.43 -13.42 -30.55
CA VAL G 135 -34.60 -13.76 -29.76
C VAL G 135 -34.29 -13.49 -28.30
N PHE G 136 -35.17 -12.79 -27.61
CA PHE G 136 -34.98 -12.47 -26.20
C PHE G 136 -35.78 -13.40 -25.30
N PHE G 137 -35.22 -13.71 -24.14
CA PHE G 137 -35.84 -14.58 -23.15
C PHE G 137 -36.03 -13.83 -21.84
N MET H 1 -10.68 3.68 -13.70
CA MET H 1 -10.30 2.50 -12.95
C MET H 1 -11.09 1.24 -13.36
N LEU H 2 -10.37 0.13 -13.50
CA LEU H 2 -11.02 -1.15 -13.73
C LEU H 2 -11.72 -1.61 -12.47
N GLN H 3 -13.01 -1.95 -12.60
CA GLN H 3 -13.83 -2.30 -11.46
C GLN H 3 -14.03 -3.79 -11.28
N GLY H 4 -13.68 -4.59 -12.27
CA GLY H 4 -13.88 -6.02 -12.21
C GLY H 4 -14.03 -6.57 -13.62
N LEU H 5 -14.42 -7.84 -13.70
CA LEU H 5 -14.68 -8.45 -14.99
C LEU H 5 -16.01 -7.93 -15.54
N ASN H 6 -15.98 -7.41 -16.76
CA ASN H 6 -17.22 -6.93 -17.36
C ASN H 6 -17.97 -8.06 -18.04
N HIS H 7 -17.30 -8.79 -18.93
CA HIS H 7 -17.90 -9.96 -19.54
C HIS H 7 -16.81 -10.91 -20.01
N LEU H 8 -17.17 -12.19 -20.13
CA LEU H 8 -16.30 -13.24 -20.64
C LEU H 8 -16.85 -13.69 -21.99
N THR H 9 -16.04 -13.59 -23.04
CA THR H 9 -16.45 -13.95 -24.39
C THR H 9 -15.68 -15.18 -24.86
N LEU H 10 -16.41 -16.22 -25.24
CA LEU H 10 -15.82 -17.46 -25.73
C LEU H 10 -16.10 -17.58 -27.22
N ALA H 11 -15.05 -17.85 -28.00
CA ALA H 11 -15.23 -18.15 -29.41
C ALA H 11 -15.65 -19.60 -29.56
N VAL H 12 -16.71 -19.85 -30.33
CA VAL H 12 -17.25 -21.19 -30.50
C VAL H 12 -17.38 -21.49 -31.99
N SER H 13 -17.27 -22.78 -32.33
CA SER H 13 -17.40 -23.21 -33.72
C SER H 13 -18.82 -23.64 -34.06
N ASP H 14 -19.58 -24.16 -33.09
CA ASP H 14 -20.96 -24.56 -33.35
C ASP H 14 -21.83 -23.90 -32.29
N LEU H 15 -22.59 -22.89 -32.69
CA LEU H 15 -23.36 -22.15 -31.70
C LEU H 15 -24.36 -23.07 -31.03
N ALA H 16 -25.08 -23.89 -31.82
CA ALA H 16 -26.12 -24.74 -31.23
C ALA H 16 -25.53 -25.75 -30.24
N SER H 17 -24.37 -26.36 -30.55
CA SER H 17 -23.76 -27.28 -29.60
C SER H 17 -23.28 -26.56 -28.36
N SER H 18 -22.62 -25.41 -28.53
CA SER H 18 -22.14 -24.64 -27.39
C SER H 18 -23.32 -24.15 -26.60
N LEU H 19 -24.41 -23.84 -27.31
CA LEU H 19 -25.57 -23.29 -26.64
C LEU H 19 -26.28 -24.36 -25.84
N ALA H 20 -26.27 -25.58 -26.32
CA ALA H 20 -26.76 -26.73 -25.54
C ALA H 20 -25.90 -26.99 -24.31
N PHE H 21 -24.58 -26.89 -24.46
CA PHE H 21 -23.67 -27.26 -23.39
C PHE H 21 -23.84 -26.35 -22.17
N TYR H 22 -23.90 -25.03 -22.37
CA TYR H 22 -23.90 -24.14 -21.20
C TYR H 22 -25.24 -24.07 -20.48
N GLN H 23 -26.37 -24.20 -21.17
CA GLN H 23 -27.64 -24.18 -20.46
C GLN H 23 -27.82 -25.43 -19.63
N GLN H 24 -27.04 -26.45 -19.92
CA GLN H 24 -27.00 -27.67 -19.12
C GLN H 24 -26.42 -27.43 -17.72
N LEU H 25 -25.66 -26.37 -17.54
CA LEU H 25 -25.09 -26.06 -16.24
C LEU H 25 -26.14 -25.36 -15.39
N PRO H 26 -26.48 -25.89 -14.21
CA PRO H 26 -27.42 -25.17 -13.34
C PRO H 26 -26.82 -23.85 -12.89
N GLY H 27 -27.63 -22.79 -12.95
CA GLY H 27 -27.19 -21.45 -12.70
C GLY H 27 -26.91 -20.65 -13.96
N MET H 28 -26.66 -21.33 -15.07
CA MET H 28 -26.44 -20.64 -16.33
C MET H 28 -27.78 -20.23 -16.93
N ARG H 29 -27.91 -18.94 -17.23
CA ARG H 29 -29.17 -18.38 -17.68
C ARG H 29 -28.98 -17.71 -19.04
N LEU H 30 -29.80 -18.11 -20.02
CA LEU H 30 -29.70 -17.57 -21.36
C LEU H 30 -30.65 -16.40 -21.51
N HIS H 31 -30.11 -15.25 -21.90
CA HIS H 31 -30.88 -14.02 -22.04
C HIS H 31 -31.28 -13.71 -23.47
N ALA H 32 -30.44 -14.04 -24.44
CA ALA H 32 -30.72 -13.73 -25.83
C ALA H 32 -29.80 -14.55 -26.71
N SER H 33 -30.25 -14.80 -27.94
CA SER H 33 -29.45 -15.53 -28.92
C SER H 33 -29.74 -14.96 -30.29
N TRP H 34 -28.75 -15.03 -31.17
CA TRP H 34 -28.93 -14.62 -32.55
C TRP H 34 -28.09 -15.56 -33.41
N ASP H 35 -27.90 -15.20 -34.68
CA ASP H 35 -27.27 -16.16 -35.58
C ASP H 35 -25.76 -16.21 -35.45
N SER H 36 -25.14 -15.22 -34.81
CA SER H 36 -23.70 -15.22 -34.61
C SER H 36 -23.31 -15.10 -33.14
N GLY H 37 -24.23 -15.33 -32.20
CA GLY H 37 -23.83 -15.26 -30.82
C GLY H 37 -24.99 -15.47 -29.86
N ALA H 38 -24.66 -15.40 -28.57
CA ALA H 38 -25.63 -15.51 -27.49
C ALA H 38 -25.11 -14.77 -26.26
N TYR H 39 -26.04 -14.36 -25.41
CA TYR H 39 -25.74 -13.71 -24.15
C TYR H 39 -26.26 -14.56 -23.00
N LEU H 40 -25.39 -14.92 -22.06
CA LEU H 40 -25.78 -15.66 -20.89
C LEU H 40 -25.26 -14.96 -19.64
N SER H 41 -25.87 -15.29 -18.51
CA SER H 41 -25.41 -14.78 -17.23
C SER H 41 -25.33 -15.92 -16.22
N CYS H 42 -24.44 -15.74 -15.24
CA CYS H 42 -24.28 -16.70 -14.16
C CYS H 42 -23.87 -15.90 -12.93
N GLY H 43 -24.85 -15.60 -12.07
CA GLY H 43 -24.61 -14.63 -11.02
C GLY H 43 -24.23 -13.30 -11.65
N ALA H 44 -23.14 -12.71 -11.16
CA ALA H 44 -22.68 -11.45 -11.72
C ALA H 44 -21.94 -11.63 -13.03
N LEU H 45 -21.63 -12.86 -13.43
CA LEU H 45 -20.88 -13.09 -14.65
C LEU H 45 -21.76 -12.89 -15.88
N TRP H 46 -21.28 -12.07 -16.80
CA TRP H 46 -21.89 -11.92 -18.12
C TRP H 46 -21.07 -12.75 -19.09
N LEU H 47 -21.64 -13.85 -19.56
CA LEU H 47 -20.96 -14.76 -20.47
C LEU H 47 -21.49 -14.54 -21.88
N CYS H 48 -20.57 -14.36 -22.82
CA CYS H 48 -20.92 -14.14 -24.22
C CYS H 48 -20.29 -15.24 -25.06
N LEU H 49 -21.10 -15.88 -25.90
CA LEU H 49 -20.62 -16.87 -26.87
C LEU H 49 -20.64 -16.24 -28.25
N SER H 50 -19.55 -16.39 -28.98
CA SER H 50 -19.34 -15.73 -30.27
C SER H 50 -18.95 -16.75 -31.32
N LEU H 51 -19.67 -16.76 -32.44
CA LEU H 51 -19.44 -17.71 -33.50
C LEU H 51 -18.19 -17.29 -34.29
N ASP H 52 -17.25 -18.22 -34.47
CA ASP H 52 -15.98 -17.90 -35.11
C ASP H 52 -15.57 -19.07 -36.00
N GLU H 53 -15.46 -18.81 -37.31
CA GLU H 53 -14.99 -19.85 -38.23
C GLU H 53 -13.52 -20.20 -37.96
N GLN H 54 -12.75 -19.25 -37.42
CA GLN H 54 -11.33 -19.45 -37.16
C GLN H 54 -11.12 -20.13 -35.81
N ARG H 55 -12.13 -20.86 -35.33
CA ARG H 55 -12.03 -21.56 -34.05
C ARG H 55 -11.96 -23.05 -34.29
N ARG H 56 -10.89 -23.66 -33.80
CA ARG H 56 -10.66 -25.10 -33.91
C ARG H 56 -11.04 -25.78 -32.60
N LYS H 57 -11.71 -26.92 -32.69
CA LYS H 57 -11.99 -27.73 -31.51
C LYS H 57 -10.67 -28.24 -30.96
N THR H 58 -10.18 -27.59 -29.90
CA THR H 58 -8.82 -27.84 -29.43
C THR H 58 -8.80 -28.97 -28.41
N PRO H 59 -7.97 -30.00 -28.61
CA PRO H 59 -7.78 -30.98 -27.55
C PRO H 59 -7.03 -30.36 -26.38
N PRO H 60 -7.28 -30.82 -25.15
CA PRO H 60 -6.57 -30.24 -24.00
C PRO H 60 -5.06 -30.36 -24.13
N GLN H 61 -4.59 -31.30 -24.95
CA GLN H 61 -3.18 -31.55 -25.16
C GLN H 61 -2.47 -30.38 -25.86
N GLU H 62 -3.22 -29.56 -26.59
CA GLU H 62 -2.66 -28.56 -27.48
C GLU H 62 -2.87 -27.12 -27.02
N SER H 63 -3.41 -26.93 -25.82
CA SER H 63 -3.63 -25.60 -25.29
C SER H 63 -2.92 -25.46 -23.96
N ASP H 64 -2.71 -24.21 -23.56
CA ASP H 64 -2.01 -23.93 -22.31
C ASP H 64 -2.99 -24.02 -21.15
N TYR H 65 -2.56 -23.56 -19.98
CA TYR H 65 -3.28 -23.75 -18.74
C TYR H 65 -4.41 -22.74 -18.52
N THR H 66 -4.60 -21.80 -19.45
CA THR H 66 -5.67 -20.82 -19.34
C THR H 66 -7.00 -21.51 -19.13
N HIS H 67 -7.68 -21.21 -18.01
CA HIS H 67 -8.94 -21.85 -17.73
C HIS H 67 -9.88 -20.89 -17.00
N TYR H 68 -11.15 -21.27 -16.96
CA TYR H 68 -12.21 -20.44 -16.39
C TYR H 68 -12.92 -21.26 -15.34
N ALA H 69 -12.97 -20.76 -14.11
CA ALA H 69 -13.55 -21.49 -13.00
C ALA H 69 -14.87 -20.87 -12.57
N PHE H 70 -15.80 -21.72 -12.16
CA PHE H 70 -17.12 -21.27 -11.71
C PHE H 70 -17.31 -21.68 -10.26
N SER H 71 -17.95 -20.79 -9.49
CA SER H 71 -18.17 -21.03 -8.07
C SER H 71 -19.37 -21.95 -7.87
N VAL H 72 -19.19 -22.97 -7.03
CA VAL H 72 -20.28 -23.82 -6.56
C VAL H 72 -20.16 -23.92 -5.06
N ALA H 73 -21.30 -23.84 -4.37
CA ALA H 73 -21.27 -24.07 -2.94
C ALA H 73 -20.84 -25.51 -2.66
N GLU H 74 -20.28 -25.71 -1.47
CA GLU H 74 -19.74 -27.00 -1.07
C GLU H 74 -20.85 -28.05 -1.04
N GLU H 75 -22.09 -27.59 -0.80
CA GLU H 75 -23.25 -28.46 -0.66
C GLU H 75 -23.67 -29.13 -1.96
N GLU H 76 -23.35 -28.55 -3.11
CA GLU H 76 -23.77 -29.11 -4.39
C GLU H 76 -22.63 -29.45 -5.33
N PHE H 77 -21.38 -29.41 -4.85
CA PHE H 77 -20.26 -29.73 -5.71
C PHE H 77 -20.43 -31.14 -6.29
N ALA H 78 -20.76 -32.12 -5.44
CA ALA H 78 -20.94 -33.49 -5.91
C ALA H 78 -22.07 -33.58 -6.91
N GLY H 79 -23.18 -32.89 -6.65
CA GLY H 79 -24.31 -32.92 -7.57
C GLY H 79 -23.96 -32.44 -8.96
N VAL H 80 -23.33 -31.26 -9.06
CA VAL H 80 -23.04 -30.67 -10.36
C VAL H 80 -22.03 -31.51 -11.13
N VAL H 81 -21.06 -32.09 -10.42
CA VAL H 81 -20.04 -32.92 -11.08
C VAL H 81 -20.64 -34.22 -11.61
N ALA H 82 -21.50 -34.85 -10.80
CA ALA H 82 -22.22 -36.02 -11.27
C ALA H 82 -23.02 -35.68 -12.53
N LEU H 83 -23.59 -34.48 -12.57
CA LEU H 83 -24.35 -34.05 -13.74
C LEU H 83 -23.46 -33.97 -14.97
N LEU H 84 -22.24 -33.43 -14.83
CA LEU H 84 -21.35 -33.30 -15.99
C LEU H 84 -20.70 -34.61 -16.39
N ALA H 85 -20.46 -35.51 -15.44
CA ALA H 85 -19.94 -36.82 -15.79
C ALA H 85 -20.94 -37.60 -16.62
N GLN H 86 -22.21 -37.60 -16.18
CA GLN H 86 -23.25 -38.34 -16.88
C GLN H 86 -23.46 -37.80 -18.28
N ALA H 87 -23.32 -36.49 -18.47
CA ALA H 87 -23.44 -35.88 -19.78
C ALA H 87 -22.27 -36.19 -20.69
N GLY H 88 -21.19 -36.73 -20.14
CA GLY H 88 -20.03 -37.04 -20.93
C GLY H 88 -19.06 -35.91 -21.12
N ALA H 89 -19.03 -34.94 -20.20
CA ALA H 89 -18.07 -33.86 -20.31
C ALA H 89 -16.67 -34.43 -20.14
N GLU H 90 -15.78 -34.09 -21.06
CA GLU H 90 -14.44 -34.61 -21.04
C GLU H 90 -13.65 -33.92 -19.92
N VAL H 91 -12.92 -34.69 -19.13
CA VAL H 91 -12.08 -34.17 -18.07
C VAL H 91 -10.69 -33.90 -18.62
N TRP H 92 -10.08 -32.79 -18.21
CA TRP H 92 -8.77 -32.42 -18.73
C TRP H 92 -7.66 -32.39 -17.69
N LYS H 93 -7.97 -32.59 -16.40
CA LYS H 93 -6.94 -32.75 -15.38
C LYS H 93 -7.59 -33.29 -14.11
N ASP H 94 -6.84 -34.14 -13.41
CA ASP H 94 -7.31 -34.83 -12.21
C ASP H 94 -7.50 -33.87 -11.04
N ASN H 95 -8.26 -34.34 -10.04
CA ASN H 95 -8.66 -33.60 -8.83
C ASN H 95 -7.64 -32.61 -8.26
N GLY H 99 -8.95 -31.53 -4.98
CA GLY H 99 -10.04 -32.08 -4.18
C GLY H 99 -11.31 -31.27 -4.29
N ALA H 100 -11.17 -29.94 -4.23
CA ALA H 100 -12.28 -29.01 -4.32
C ALA H 100 -12.46 -28.45 -5.73
N SER H 101 -11.95 -29.15 -6.75
CA SER H 101 -12.02 -28.69 -8.12
C SER H 101 -12.37 -29.84 -9.05
N TYR H 102 -13.05 -29.50 -10.14
CA TYR H 102 -13.39 -30.44 -11.21
C TYR H 102 -13.10 -29.76 -12.54
N TYR H 103 -12.25 -30.38 -13.35
CA TYR H 103 -11.76 -29.76 -14.58
C TYR H 103 -12.40 -30.46 -15.77
N PHE H 104 -13.19 -29.73 -16.54
CA PHE H 104 -13.90 -30.28 -17.67
C PHE H 104 -13.82 -29.29 -18.84
N LEU H 105 -13.98 -29.82 -20.05
CA LEU H 105 -13.88 -29.03 -21.26
C LEU H 105 -15.27 -28.77 -21.84
N ASP H 106 -15.37 -27.74 -22.66
CA ASP H 106 -16.57 -27.43 -23.42
C ASP H 106 -16.39 -27.91 -24.85
N PRO H 107 -17.49 -27.94 -25.65
CA PRO H 107 -17.41 -28.58 -26.98
C PRO H 107 -16.28 -28.07 -27.89
N ASP H 108 -15.76 -26.88 -27.63
CA ASP H 108 -14.65 -26.35 -28.41
C ASP H 108 -13.30 -26.56 -27.75
N GLY H 109 -13.27 -27.10 -26.53
CA GLY H 109 -12.03 -27.33 -25.84
C GLY H 109 -11.63 -26.27 -24.84
N HIS H 110 -12.44 -25.23 -24.66
CA HIS H 110 -12.19 -24.27 -23.59
C HIS H 110 -12.11 -24.99 -22.25
N LYS H 111 -11.06 -24.73 -21.50
CA LYS H 111 -10.85 -25.42 -20.23
C LYS H 111 -11.65 -24.72 -19.15
N LEU H 112 -12.54 -25.46 -18.50
CA LEU H 112 -13.39 -24.92 -17.45
C LEU H 112 -13.11 -25.66 -16.15
N GLU H 113 -13.65 -25.10 -15.06
CA GLU H 113 -13.42 -25.66 -13.74
C GLU H 113 -14.58 -25.25 -12.84
N LEU H 114 -14.96 -26.15 -11.95
CA LEU H 114 -15.84 -25.86 -10.85
C LEU H 114 -14.97 -25.81 -9.60
N HIS H 115 -15.14 -24.81 -8.76
CA HIS H 115 -14.25 -24.70 -7.61
C HIS H 115 -15.01 -24.21 -6.39
N VAL H 116 -14.71 -24.82 -5.25
CA VAL H 116 -15.23 -24.36 -3.96
C VAL H 116 -14.15 -23.53 -3.29
N GLY H 117 -14.52 -22.35 -2.83
CA GLY H 117 -13.59 -21.48 -2.13
C GLY H 117 -13.26 -20.22 -2.93
N ASN H 118 -12.94 -19.16 -2.20
CA ASN H 118 -12.66 -17.85 -2.79
C ASN H 118 -11.19 -17.51 -2.61
N LEU H 119 -10.82 -16.28 -3.00
CA LEU H 119 -9.42 -15.87 -2.93
C LEU H 119 -8.94 -15.66 -1.49
N ALA H 120 -9.82 -15.23 -0.59
CA ALA H 120 -9.41 -15.02 0.80
C ALA H 120 -9.01 -16.33 1.47
N GLN H 121 -9.77 -17.39 1.20
CA GLN H 121 -9.49 -18.70 1.79
C GLN H 121 -8.22 -19.30 1.21
N ARG H 122 -8.03 -19.16 -0.10
CA ARG H 122 -6.82 -19.66 -0.74
C ARG H 122 -5.59 -18.97 -0.19
N LEU H 123 -5.67 -17.65 0.06
CA LEU H 123 -4.55 -16.96 0.68
C LEU H 123 -4.33 -17.45 2.10
N ALA H 124 -5.41 -17.70 2.84
CA ALA H 124 -5.27 -18.25 4.18
C ALA H 124 -4.61 -19.62 4.14
N ALA H 125 -5.07 -20.48 3.23
CA ALA H 125 -4.47 -21.80 3.08
C ALA H 125 -3.01 -21.70 2.67
N CYS H 126 -2.70 -20.74 1.79
CA CYS H 126 -1.32 -20.59 1.35
C CYS H 126 -0.44 -20.08 2.48
N ARG H 127 -0.96 -19.23 3.36
CA ARG H 127 -0.14 -18.76 4.48
C ARG H 127 0.16 -19.89 5.47
N GLU H 128 -0.76 -20.84 5.61
CA GLU H 128 -0.47 -22.06 6.37
C GLU H 128 0.60 -22.90 5.69
N ARG H 129 0.50 -23.09 4.38
CA ARG H 129 1.43 -23.95 3.64
C ARG H 129 1.76 -23.28 2.31
N PRO H 130 2.81 -22.45 2.28
CA PRO H 130 3.07 -21.65 1.08
C PRO H 130 3.64 -22.47 -0.06
N TYR H 131 3.36 -21.99 -1.28
CA TYR H 131 4.03 -22.50 -2.45
C TYR H 131 5.50 -22.10 -2.42
N LYS H 132 6.27 -22.65 -3.34
CA LYS H 132 7.69 -22.37 -3.37
C LYS H 132 7.97 -20.93 -3.78
N GLY H 133 8.77 -20.22 -2.99
CA GLY H 133 9.13 -18.85 -3.26
C GLY H 133 7.98 -17.88 -3.09
N MET H 134 7.00 -18.22 -2.28
CA MET H 134 5.80 -17.42 -2.16
C MET H 134 6.06 -16.20 -1.29
N VAL H 135 5.55 -15.05 -1.74
CA VAL H 135 5.61 -13.80 -1.00
C VAL H 135 4.20 -13.22 -0.95
N PHE H 136 3.75 -12.83 0.24
CA PHE H 136 2.43 -12.25 0.43
C PHE H 136 2.56 -10.73 0.55
N PHE H 137 1.56 -10.02 0.03
CA PHE H 137 1.58 -8.56 0.04
C PHE H 137 0.41 -7.94 0.80
N ASP H 138 -0.43 -8.76 1.44
CA ASP H 138 -1.40 -8.28 2.41
C ASP H 138 -0.85 -8.55 3.80
N HIS H 139 -0.75 -7.51 4.62
CA HIS H 139 -0.12 -7.65 5.93
C HIS H 139 -0.90 -8.63 6.80
N HIS H 140 -0.16 -9.52 7.46
CA HIS H 140 -0.76 -10.52 8.33
C HIS H 140 0.19 -10.77 9.50
N HIS H 141 -0.24 -11.61 10.43
CA HIS H 141 0.57 -11.99 11.57
C HIS H 141 0.57 -13.49 11.78
N HIS H 142 0.71 -14.24 10.69
CA HIS H 142 0.83 -15.70 10.73
C HIS H 142 2.28 -16.05 11.07
N HIS H 143 2.51 -16.49 12.31
CA HIS H 143 3.86 -16.70 12.85
C HIS H 143 4.69 -15.43 12.77
#